data_2JCD
#
_entry.id   2JCD
#
_cell.length_a   62.222
_cell.length_b   115.438
_cell.length_c   125.801
_cell.angle_alpha   90.00
_cell.angle_beta   90.00
_cell.angle_gamma   90.00
#
_symmetry.space_group_name_H-M   'P 21 21 21'
#
loop_
_entity.id
_entity.type
_entity.pdbx_description
1 polymer N-OXIDASE
2 non-polymer 'MANGANESE (II) ION'
3 non-polymer 1,2-ETHANEDIOL
4 water water
#
_entity_poly.entity_id   1
_entity_poly.type   'polypeptide(L)'
_entity_poly.pdbx_seq_one_letter_code
;ISEFDSGETMREEQPHLATTWAARGWVEEEGIGSATLGRLVRAWPRRAAVVNKADILDEWADYDTLVPDYPLEIVPFAEH
PLFLAAEPHQRQRVLTGMWIGYNERVIATEQLIAEPAFDLVMHGVFPGSDDPLIRKSVQQAIVDESFHTYMHMLAIDRTR
ELRKISERPPQPELVTYRRLRRVLADMPEQWERDIAVLVWGAVAETCINALLALLARDATIQPMHSLITTLHLRDETAHG
SIVVEVVRELYARMNEQQRRALVRCLPIALEAFAEQDLSALLLELNAAGIRGAEEIVGDLRSTAGGTRLVRDFSGARKMV
EQLGLDDAVDFDFPERPDWSPHTPR
;
_entity_poly.pdbx_strand_id   A,B
#
# COMPACT_ATOMS: atom_id res chain seq x y z
N HIS A 16 17.22 3.21 -1.22
CA HIS A 16 15.80 2.72 -1.33
C HIS A 16 15.71 1.24 -1.71
N LEU A 17 16.32 0.39 -0.91
CA LEU A 17 16.03 -1.04 -0.93
C LEU A 17 14.55 -1.27 -0.54
N ALA A 18 13.81 -2.08 -1.29
CA ALA A 18 12.45 -2.43 -0.92
C ALA A 18 12.51 -3.39 0.27
N THR A 19 11.44 -3.44 1.06
CA THR A 19 11.36 -4.34 2.20
C THR A 19 10.08 -5.14 2.20
N THR A 20 10.10 -6.29 2.85
CA THR A 20 8.90 -7.08 3.04
C THR A 20 8.96 -7.69 4.45
N TRP A 21 7.80 -8.01 5.01
CA TRP A 21 7.75 -8.80 6.25
C TRP A 21 7.45 -10.25 5.94
N ALA A 22 7.43 -10.63 4.66
CA ALA A 22 7.04 -11.98 4.29
C ALA A 22 7.96 -13.07 4.85
N ALA A 23 9.22 -12.73 5.16
CA ALA A 23 10.18 -13.76 5.55
C ALA A 23 10.34 -13.97 7.09
N ARG A 24 9.51 -13.28 7.85
CA ARG A 24 9.63 -13.16 9.30
C ARG A 24 9.57 -14.49 10.08
N GLY A 25 8.74 -15.42 9.62
CA GLY A 25 8.38 -16.62 10.38
C GLY A 25 7.63 -16.24 11.67
N TRP A 26 7.58 -17.14 12.66
CA TRP A 26 6.97 -16.78 13.95
C TRP A 26 7.39 -17.71 15.05
N VAL A 27 7.17 -17.25 16.28
CA VAL A 27 7.27 -18.12 17.46
C VAL A 27 5.92 -18.10 18.19
N GLU A 28 5.76 -19.00 19.16
CA GLU A 28 4.58 -19.05 20.02
C GLU A 28 4.49 -17.77 20.83
N GLU A 29 3.37 -17.07 20.70
CA GLU A 29 3.06 -15.93 21.58
C GLU A 29 1.63 -16.04 22.13
N GLU A 30 1.44 -15.51 23.34
CA GLU A 30 0.13 -15.23 23.90
C GLU A 30 -0.65 -14.28 23.00
N GLY A 31 -1.90 -14.64 22.71
CA GLY A 31 -2.88 -13.73 22.10
C GLY A 31 -3.22 -12.47 22.86
N ILE A 32 -3.48 -11.41 22.10
CA ILE A 32 -4.06 -10.21 22.65
C ILE A 32 -5.55 -10.48 22.83
N GLY A 33 -6.11 -10.04 23.92
CA GLY A 33 -7.56 -10.13 24.11
C GLY A 33 -8.09 -8.74 24.00
N SER A 34 -8.72 -8.43 22.87
CA SER A 34 -9.32 -7.16 22.65
C SER A 34 -10.71 -7.30 22.03
N ALA A 35 -11.75 -6.99 22.80
CA ALA A 35 -13.11 -7.08 22.29
C ALA A 35 -13.28 -6.12 21.14
N THR A 36 -12.86 -4.88 21.35
CA THR A 36 -12.96 -3.84 20.30
C THR A 36 -12.27 -4.20 18.98
N LEU A 37 -11.02 -4.68 19.03
CA LEU A 37 -10.32 -5.05 17.81
C LEU A 37 -11.01 -6.21 17.13
N GLY A 38 -11.46 -7.21 17.90
CA GLY A 38 -12.13 -8.34 17.27
C GLY A 38 -13.39 -7.85 16.55
N ARG A 39 -14.19 -7.02 17.22
CA ARG A 39 -15.42 -6.52 16.58
C ARG A 39 -15.09 -5.72 15.28
N LEU A 40 -14.10 -4.85 15.33
CA LEU A 40 -13.81 -3.98 14.17
C LEU A 40 -13.26 -4.78 12.99
N VAL A 41 -12.47 -5.79 13.31
CA VAL A 41 -11.88 -6.65 12.31
C VAL A 41 -12.96 -7.53 11.64
N ARG A 42 -13.86 -8.10 12.46
CA ARG A 42 -14.97 -8.88 11.87
C ARG A 42 -15.88 -7.99 11.02
N ALA A 43 -16.02 -6.72 11.39
CA ALA A 43 -16.97 -5.83 10.70
C ALA A 43 -16.38 -5.31 9.38
N TRP A 44 -15.08 -5.47 9.19
CA TRP A 44 -14.39 -4.83 8.03
C TRP A 44 -15.03 -4.99 6.66
N PRO A 45 -15.36 -6.24 6.24
CA PRO A 45 -16.00 -6.39 4.92
C PRO A 45 -17.33 -5.63 4.79
N ARG A 46 -18.07 -5.48 5.88
CA ARG A 46 -19.36 -4.74 5.82
C ARG A 46 -19.26 -3.23 5.94
N ARG A 47 -18.14 -2.75 6.50
CA ARG A 47 -17.95 -1.31 6.72
C ARG A 47 -17.14 -0.68 5.54
N ALA A 48 -16.11 -1.39 5.08
CA ALA A 48 -15.04 -0.76 4.27
C ALA A 48 -15.52 -0.15 2.97
N ALA A 49 -15.10 1.09 2.72
CA ALA A 49 -15.41 1.77 1.44
C ALA A 49 -14.85 1.04 0.22
N VAL A 50 -13.66 0.46 0.35
CA VAL A 50 -13.06 -0.32 -0.76
C VAL A 50 -13.92 -1.55 -1.22
N VAL A 51 -14.61 -2.14 -0.25
CA VAL A 51 -15.46 -3.30 -0.51
C VAL A 51 -16.84 -2.86 -0.94
N ASN A 52 -17.35 -1.76 -0.38
CA ASN A 52 -18.75 -1.44 -0.49
C ASN A 52 -19.06 -0.24 -1.38
N LYS A 53 -18.04 0.53 -1.73
CA LYS A 53 -18.26 1.80 -2.47
C LYS A 53 -17.17 1.95 -3.53
N ALA A 54 -16.70 0.84 -4.06
CA ALA A 54 -15.52 0.85 -4.94
C ALA A 54 -15.75 1.54 -6.30
N ASP A 55 -17.02 1.60 -6.70
CA ASP A 55 -17.46 2.11 -7.99
C ASP A 55 -17.64 3.63 -7.78
N ILE A 56 -17.00 4.14 -6.72
CA ILE A 56 -16.88 5.60 -6.49
C ILE A 56 -16.32 6.24 -7.75
N LEU A 57 -17.02 7.25 -8.25
CA LEU A 57 -16.63 7.98 -9.46
C LEU A 57 -16.37 7.09 -10.69
N ASP A 58 -16.80 6.59 -10.52
CA ASP A 58 -17.11 6.08 -11.85
C ASP A 58 -18.34 6.78 -12.43
N GLU A 59 -19.63 6.78 -12.10
CA GLU A 59 -20.71 7.72 -12.40
C GLU A 59 -20.10 9.06 -12.80
N TRP A 60 -20.75 9.81 -13.69
CA TRP A 60 -20.24 11.15 -14.00
C TRP A 60 -20.95 12.28 -13.23
N ALA A 61 -22.08 12.81 -13.72
CA ALA A 61 -22.56 14.03 -13.06
C ALA A 61 -23.83 14.74 -13.46
N ASP A 62 -24.62 14.99 -12.43
CA ASP A 62 -25.47 16.18 -12.33
C ASP A 62 -24.61 17.41 -11.88
N TYR A 63 -23.42 17.57 -12.48
CA TYR A 63 -22.47 18.62 -12.09
C TYR A 63 -22.91 20.08 -12.38
N ASP A 64 -23.03 20.88 -11.32
CA ASP A 64 -23.32 22.32 -11.39
C ASP A 64 -22.03 23.12 -11.11
N THR A 65 -21.59 23.88 -12.11
CA THR A 65 -20.33 24.63 -12.05
C THR A 65 -20.36 25.76 -10.99
N LEU A 66 -21.54 26.20 -10.61
CA LEU A 66 -21.65 27.27 -9.64
C LEU A 66 -21.59 26.77 -8.20
N VAL A 67 -21.58 25.44 -8.02
CA VAL A 67 -21.47 24.91 -6.68
C VAL A 67 -19.99 24.99 -6.32
N PRO A 68 -19.66 25.65 -5.19
CA PRO A 68 -18.26 25.77 -4.78
C PRO A 68 -17.54 24.43 -4.46
N ASP A 69 -16.22 24.40 -4.69
CA ASP A 69 -15.36 23.23 -4.38
C ASP A 69 -15.02 23.07 -2.89
N TYR A 70 -15.07 24.16 -2.13
CA TYR A 70 -14.47 24.28 -0.79
C TYR A 70 -15.35 25.23 0.02
N PRO A 71 -15.61 24.95 1.31
CA PRO A 71 -16.53 25.82 2.02
C PRO A 71 -15.84 27.15 2.45
N LEU A 72 -16.41 28.29 2.04
CA LEU A 72 -15.87 29.60 2.42
C LEU A 72 -15.87 29.75 3.94
N GLU A 73 -16.84 29.12 4.61
CA GLU A 73 -16.95 29.09 6.07
C GLU A 73 -15.67 28.69 6.77
N ILE A 74 -14.83 27.89 6.12
CA ILE A 74 -13.58 27.45 6.77
C ILE A 74 -12.30 27.99 6.10
N VAL A 75 -12.45 28.96 5.21
CA VAL A 75 -11.29 29.58 4.61
C VAL A 75 -10.85 30.69 5.61
N PRO A 76 -9.67 30.55 6.21
CA PRO A 76 -9.44 31.40 7.37
C PRO A 76 -9.39 32.90 7.03
N PHE A 77 -9.20 33.22 5.74
CA PHE A 77 -9.10 34.60 5.26
C PHE A 77 -10.26 35.02 4.35
N ALA A 78 -11.38 34.33 4.47
CA ALA A 78 -12.48 34.58 3.54
C ALA A 78 -12.90 36.06 3.56
N GLU A 79 -12.87 36.66 4.75
CA GLU A 79 -13.34 38.03 4.97
C GLU A 79 -12.21 39.09 5.02
N HIS A 80 -10.98 38.67 4.72
CA HIS A 80 -9.86 39.59 4.66
C HIS A 80 -9.98 40.56 3.48
N PRO A 81 -9.86 41.88 3.76
CA PRO A 81 -10.08 42.91 2.75
C PRO A 81 -9.21 42.72 1.50
N LEU A 82 -7.99 42.24 1.67
CA LEU A 82 -7.18 41.97 0.50
C LEU A 82 -7.69 40.77 -0.33
N PHE A 83 -8.40 39.83 0.31
CA PHE A 83 -9.00 38.69 -0.44
C PHE A 83 -10.27 39.18 -1.11
N LEU A 84 -11.04 39.99 -0.37
CA LEU A 84 -12.28 40.56 -0.92
C LEU A 84 -12.04 41.52 -2.08
N ALA A 85 -10.86 42.12 -2.13
CA ALA A 85 -10.53 43.10 -3.19
C ALA A 85 -10.05 42.45 -4.47
N ALA A 86 -9.84 41.14 -4.44
CA ALA A 86 -9.43 40.44 -5.67
C ALA A 86 -10.65 40.15 -6.54
N GLU A 87 -10.42 39.86 -7.81
CA GLU A 87 -11.53 39.58 -8.73
C GLU A 87 -12.21 38.26 -8.36
N PRO A 88 -13.50 38.10 -8.69
CA PRO A 88 -14.16 36.82 -8.43
C PRO A 88 -13.40 35.59 -8.93
N HIS A 89 -12.87 35.61 -10.15
CA HIS A 89 -12.19 34.43 -10.67
C HIS A 89 -10.89 34.08 -9.91
N GLN A 90 -10.21 35.09 -9.37
CA GLN A 90 -9.07 34.90 -8.47
C GLN A 90 -9.49 34.21 -7.16
N ARG A 91 -10.60 34.65 -6.59
CA ARG A 91 -11.09 34.05 -5.36
C ARG A 91 -11.57 32.60 -5.56
N GLN A 92 -12.26 32.35 -6.68
N GLN A 92 -12.23 32.35 -6.68
CA GLN A 92 -12.75 31.00 -7.00
CA GLN A 92 -12.76 31.01 -6.99
C GLN A 92 -11.55 30.10 -7.21
C GLN A 92 -11.60 30.08 -7.31
N ARG A 93 -10.55 30.61 -7.94
CA ARG A 93 -9.36 29.83 -8.21
C ARG A 93 -8.64 29.41 -6.91
N VAL A 94 -8.62 30.33 -5.94
CA VAL A 94 -7.98 30.05 -4.66
C VAL A 94 -8.79 28.96 -3.92
N LEU A 95 -10.11 29.11 -3.92
CA LEU A 95 -11.03 28.20 -3.25
C LEU A 95 -10.95 26.79 -3.87
N THR A 96 -10.85 26.72 -5.20
CA THR A 96 -10.61 25.48 -5.90
C THR A 96 -9.21 24.90 -5.62
N GLY A 97 -8.19 25.77 -5.60
CA GLY A 97 -6.84 25.34 -5.24
C GLY A 97 -6.77 24.77 -3.82
N MET A 98 -7.52 25.35 -2.91
CA MET A 98 -7.58 24.86 -1.53
C MET A 98 -8.26 23.49 -1.40
N TRP A 99 -9.31 23.25 -2.19
CA TRP A 99 -9.88 21.91 -2.35
C TRP A 99 -8.82 20.94 -2.85
N ILE A 100 -8.12 21.31 -3.93
CA ILE A 100 -7.05 20.46 -4.43
C ILE A 100 -5.96 20.22 -3.32
N GLY A 101 -5.54 21.26 -2.63
CA GLY A 101 -4.50 21.12 -1.63
C GLY A 101 -4.98 20.29 -0.44
N TYR A 102 -6.27 20.34 -0.16
CA TYR A 102 -6.83 19.54 0.90
C TYR A 102 -6.64 18.07 0.59
N ASN A 103 -6.85 17.70 -0.67
CA ASN A 103 -6.73 16.31 -1.12
C ASN A 103 -5.23 15.87 -1.15
N GLU A 104 -4.34 16.75 -1.63
CA GLU A 104 -2.90 16.50 -1.58
C GLU A 104 -2.45 16.24 -0.12
N ARG A 105 -2.95 17.06 0.81
CA ARG A 105 -2.67 16.85 2.25
C ARG A 105 -3.08 15.47 2.73
N VAL A 106 -4.32 15.07 2.42
CA VAL A 106 -4.80 13.78 2.86
C VAL A 106 -3.94 12.65 2.28
N ILE A 107 -3.64 12.72 0.99
CA ILE A 107 -2.82 11.68 0.38
C ILE A 107 -1.42 11.65 1.03
N ALA A 108 -0.83 12.83 1.21
CA ALA A 108 0.54 12.95 1.74
C ALA A 108 0.54 12.39 3.17
N THR A 109 -0.59 12.58 3.87
CA THR A 109 -0.77 12.03 5.23
C THR A 109 -0.81 10.49 5.23
N GLU A 110 -1.55 9.90 4.30
CA GLU A 110 -1.57 8.46 4.20
C GLU A 110 -0.13 7.99 3.98
N GLN A 111 0.55 8.62 3.03
CA GLN A 111 1.80 8.10 2.51
C GLN A 111 3.02 8.41 3.35
N LEU A 112 3.05 9.59 3.99
CA LEU A 112 4.19 9.99 4.83
C LEU A 112 4.01 9.72 6.33
N ILE A 113 2.75 9.63 6.79
CA ILE A 113 2.45 9.53 8.24
C ILE A 113 1.81 8.20 8.68
N ALA A 114 0.63 7.91 8.13
CA ALA A 114 -0.11 6.69 8.50
C ALA A 114 0.59 5.42 8.04
N GLU A 115 0.86 5.31 6.74
CA GLU A 115 1.39 4.07 6.21
C GLU A 115 2.72 3.63 6.84
N PRO A 116 3.68 4.56 7.00
CA PRO A 116 4.97 4.13 7.61
C PRO A 116 4.75 3.66 9.05
N ALA A 117 3.82 4.29 9.75
CA ALA A 117 3.50 3.79 11.11
C ALA A 117 2.92 2.38 11.08
N PHE A 118 1.98 2.11 10.18
CA PHE A 118 1.40 0.76 10.04
C PHE A 118 2.49 -0.26 9.61
N ASP A 119 3.40 0.22 8.79
CA ASP A 119 4.47 -0.64 8.27
C ASP A 119 5.38 -1.07 9.43
N LEU A 120 5.65 -0.20 10.37
CA LEU A 120 6.44 -0.60 11.55
C LEU A 120 5.75 -1.70 12.31
N VAL A 121 4.44 -1.59 12.49
CA VAL A 121 3.71 -2.62 13.20
C VAL A 121 3.78 -3.95 12.44
N MET A 122 3.54 -3.89 11.12
CA MET A 122 3.58 -5.10 10.32
C MET A 122 4.97 -5.73 10.34
N HIS A 123 6.02 -4.95 10.51
CA HIS A 123 7.39 -5.52 10.57
C HIS A 123 7.81 -5.98 11.95
N GLY A 124 6.89 -5.89 12.93
CA GLY A 124 7.09 -6.48 14.27
C GLY A 124 8.14 -5.74 15.11
N VAL A 125 8.32 -4.46 14.83
CA VAL A 125 9.34 -3.63 15.48
C VAL A 125 9.09 -3.37 16.98
N PHE A 126 7.85 -3.50 17.44
CA PHE A 126 7.48 -3.23 18.84
C PHE A 126 7.03 -4.53 19.50
N PRO A 127 7.43 -4.81 20.77
CA PRO A 127 6.90 -6.00 21.49
C PRO A 127 5.38 -6.00 21.50
N GLY A 128 4.81 -7.14 21.16
CA GLY A 128 3.34 -7.26 21.08
C GLY A 128 2.78 -7.12 19.68
N SER A 129 3.58 -6.58 18.74
CA SER A 129 3.07 -6.30 17.37
C SER A 129 2.97 -7.56 16.45
N ASP A 130 3.52 -8.68 16.92
CA ASP A 130 3.45 -9.94 16.15
C ASP A 130 2.08 -10.59 16.22
N ASP A 131 1.22 -10.10 17.11
CA ASP A 131 -0.09 -10.71 17.30
C ASP A 131 -0.93 -10.74 16.01
N PRO A 132 -1.47 -11.92 15.61
CA PRO A 132 -2.25 -12.08 14.40
C PRO A 132 -3.49 -11.16 14.29
N LEU A 133 -4.13 -10.86 15.41
CA LEU A 133 -5.28 -9.97 15.37
C LEU A 133 -4.84 -8.53 15.12
N ILE A 134 -3.80 -8.09 15.80
CA ILE A 134 -3.20 -6.81 15.45
C ILE A 134 -2.86 -6.74 13.94
N ARG A 135 -2.20 -7.78 13.44
CA ARG A 135 -1.79 -7.84 12.03
C ARG A 135 -2.97 -7.82 11.08
N LYS A 136 -4.03 -8.57 11.39
CA LYS A 136 -5.21 -8.55 10.57
C LYS A 136 -5.85 -7.15 10.53
N SER A 137 -5.99 -6.51 11.68
CA SER A 137 -6.56 -5.17 11.74
C SER A 137 -5.75 -4.12 10.99
N VAL A 138 -4.43 -4.20 11.11
CA VAL A 138 -3.55 -3.23 10.47
C VAL A 138 -3.51 -3.42 8.95
N GLN A 139 -3.40 -4.67 8.49
CA GLN A 139 -3.35 -4.90 7.06
C GLN A 139 -4.69 -4.47 6.43
N GLN A 140 -5.78 -4.69 7.14
CA GLN A 140 -7.09 -4.21 6.65
C GLN A 140 -7.03 -2.70 6.49
N ALA A 141 -6.48 -2.01 7.50
CA ALA A 141 -6.37 -0.53 7.40
C ALA A 141 -5.48 -0.07 6.22
N ILE A 142 -4.39 -0.80 6.00
CA ILE A 142 -3.49 -0.60 4.85
C ILE A 142 -4.24 -0.71 3.54
N VAL A 143 -5.07 -1.75 3.39
CA VAL A 143 -5.90 -1.88 2.16
C VAL A 143 -6.75 -0.62 2.04
N ASP A 144 -7.37 -0.22 3.16
CA ASP A 144 -8.22 0.97 3.18
C ASP A 144 -7.45 2.22 2.75
N GLU A 145 -6.24 2.45 3.29
CA GLU A 145 -5.46 3.66 2.90
C GLU A 145 -5.15 3.70 1.39
N SER A 146 -4.85 2.54 0.79
CA SER A 146 -4.62 2.46 -0.66
CA SER A 146 -4.62 2.46 -0.67
C SER A 146 -5.86 2.87 -1.45
N PHE A 147 -7.02 2.51 -0.94
CA PHE A 147 -8.28 2.93 -1.54
C PHE A 147 -8.60 4.41 -1.29
N HIS A 148 -8.34 4.89 -0.06
CA HIS A 148 -8.50 6.34 0.24
C HIS A 148 -7.63 7.17 -0.68
N THR A 149 -6.37 6.74 -0.86
CA THR A 149 -5.48 7.37 -1.83
C THR A 149 -6.08 7.41 -3.23
N TYR A 150 -6.53 6.27 -3.71
CA TYR A 150 -7.28 6.16 -4.95
C TYR A 150 -8.45 7.14 -5.07
N MET A 151 -9.30 7.24 -4.03
CA MET A 151 -10.41 8.18 -4.02
C MET A 151 -10.06 9.64 -4.13
N HIS A 152 -9.12 10.10 -3.29
CA HIS A 152 -8.66 11.46 -3.35
C HIS A 152 -7.88 11.75 -4.65
N MET A 153 -7.20 10.75 -5.18
CA MET A 153 -6.51 10.94 -6.49
C MET A 153 -7.57 11.19 -7.60
N LEU A 154 -8.62 10.39 -7.64
CA LEU A 154 -9.73 10.58 -8.58
C LEU A 154 -10.42 11.91 -8.37
N ALA A 155 -10.60 12.34 -7.11
CA ALA A 155 -11.23 13.63 -6.85
C ALA A 155 -10.40 14.78 -7.41
N ILE A 156 -9.08 14.70 -7.26
CA ILE A 156 -8.20 15.72 -7.83
C ILE A 156 -8.36 15.75 -9.37
N ASP A 157 -8.25 14.58 -10.01
N ASP A 157 -8.30 14.57 -9.99
CA ASP A 157 -8.33 14.50 -11.46
CA ASP A 157 -8.47 14.42 -11.44
C ASP A 157 -9.65 15.05 -12.02
C ASP A 157 -9.85 14.84 -11.98
N ARG A 158 -10.77 14.56 -11.50
N ARG A 158 -10.92 14.59 -11.24
CA ARG A 158 -12.09 15.12 -11.83
CA ARG A 158 -12.25 15.03 -11.63
C ARG A 158 -12.06 16.65 -11.75
C ARG A 158 -12.38 16.57 -11.54
N THR A 159 -11.63 17.17 -10.61
CA THR A 159 -11.61 18.62 -10.43
C THR A 159 -10.76 19.32 -11.51
N ARG A 160 -9.58 18.78 -11.76
CA ARG A 160 -8.69 19.27 -12.80
C ARG A 160 -9.40 19.34 -14.18
N GLU A 161 -10.17 18.31 -14.53
CA GLU A 161 -10.96 18.29 -15.77
C GLU A 161 -12.13 19.24 -15.74
N LEU A 162 -12.99 19.12 -14.73
CA LEU A 162 -14.21 19.91 -14.73
C LEU A 162 -13.92 21.41 -14.60
N ARG A 163 -12.87 21.75 -13.87
CA ARG A 163 -12.50 23.14 -13.66
C ARG A 163 -11.47 23.55 -14.69
N LYS A 164 -11.04 22.60 -15.51
CA LYS A 164 -10.12 22.88 -16.60
C LYS A 164 -8.88 23.59 -16.06
N ILE A 165 -8.17 22.92 -15.15
CA ILE A 165 -6.96 23.46 -14.57
C ILE A 165 -5.82 22.81 -15.29
N SER A 166 -5.23 23.53 -16.23
CA SER A 166 -4.21 22.95 -17.11
C SER A 166 -2.92 22.61 -16.36
N GLU A 167 -2.59 23.42 -15.37
CA GLU A 167 -1.29 23.36 -14.74
C GLU A 167 -1.46 23.58 -13.22
N ARG A 168 -0.68 22.82 -12.44
CA ARG A 168 -0.55 23.08 -11.00
C ARG A 168 0.90 22.89 -10.58
N PRO A 169 1.47 23.89 -9.87
CA PRO A 169 2.87 23.86 -9.47
C PRO A 169 3.16 22.80 -8.37
N PRO A 170 4.41 22.32 -8.30
CA PRO A 170 4.86 21.45 -7.20
C PRO A 170 4.53 22.11 -5.89
N GLN A 171 4.13 21.30 -4.91
CA GLN A 171 3.66 21.81 -3.64
C GLN A 171 4.68 21.58 -2.55
N PRO A 172 4.59 22.33 -1.42
CA PRO A 172 5.49 22.05 -0.30
C PRO A 172 5.24 20.68 0.31
N GLU A 173 6.27 20.14 0.96
CA GLU A 173 6.16 18.86 1.61
C GLU A 173 5.13 19.00 2.74
N LEU A 174 4.35 17.94 2.93
CA LEU A 174 3.33 17.94 3.97
C LEU A 174 3.92 18.53 5.24
N VAL A 175 3.32 19.60 5.73
CA VAL A 175 3.78 20.26 6.93
C VAL A 175 3.93 19.25 8.10
N THR A 176 2.91 18.41 8.30
CA THR A 176 3.00 17.40 9.34
C THR A 176 4.36 16.65 9.25
N TYR A 177 4.78 16.34 8.02
CA TYR A 177 6.04 15.61 7.82
C TYR A 177 7.31 16.44 8.05
N ARG A 178 7.29 17.69 7.62
CA ARG A 178 8.46 18.55 7.88
C ARG A 178 8.79 18.55 9.37
N ARG A 179 7.76 18.61 10.22
CA ARG A 179 7.96 18.57 11.67
C ARG A 179 8.57 17.26 12.14
N LEU A 180 8.03 16.12 11.68
CA LEU A 180 8.59 14.81 12.05
C LEU A 180 10.04 14.71 11.62
N ARG A 181 10.31 15.08 10.37
CA ARG A 181 11.67 15.11 9.85
C ARG A 181 12.62 15.83 10.80
N ARG A 182 12.24 17.03 11.23
CA ARG A 182 13.07 17.82 12.13
C ARG A 182 13.31 17.14 13.47
N VAL A 183 12.33 16.40 13.98
CA VAL A 183 12.55 15.68 15.24
C VAL A 183 13.39 14.42 15.02
N LEU A 184 13.19 13.73 13.90
CA LEU A 184 13.98 12.54 13.64
C LEU A 184 15.49 12.88 13.51
N ALA A 185 15.78 14.07 12.96
CA ALA A 185 17.16 14.56 12.81
C ALA A 185 17.94 14.58 14.11
N ASP A 186 17.26 14.85 15.23
CA ASP A 186 17.93 14.80 16.53
C ASP A 186 17.84 13.45 17.23
N MET A 187 17.53 12.39 16.49
CA MET A 187 17.35 11.07 17.11
C MET A 187 18.35 10.08 16.53
N PRO A 188 19.53 9.95 17.21
CA PRO A 188 20.56 9.04 16.72
C PRO A 188 20.15 7.57 16.72
N GLU A 189 19.24 7.16 17.63
CA GLU A 189 18.92 5.73 17.77
C GLU A 189 17.65 5.27 17.07
N GLN A 190 17.70 4.13 16.40
CA GLN A 190 16.57 3.62 15.63
C GLN A 190 15.33 3.46 16.53
N TRP A 191 15.55 3.01 17.77
CA TRP A 191 14.46 2.76 18.66
C TRP A 191 13.61 3.98 18.85
N GLU A 192 14.25 5.14 19.00
CA GLU A 192 13.53 6.34 19.37
C GLU A 192 12.80 6.86 18.12
N ARG A 193 13.44 6.73 16.97
CA ARG A 193 12.80 7.11 15.70
C ARG A 193 11.57 6.25 15.40
N ASP A 194 11.63 4.98 15.77
CA ASP A 194 10.51 4.10 15.58
C ASP A 194 9.34 4.62 16.42
N ILE A 195 9.62 5.06 17.65
CA ILE A 195 8.56 5.59 18.51
C ILE A 195 7.94 6.87 17.90
N ALA A 196 8.78 7.76 17.35
CA ALA A 196 8.24 9.04 16.86
C ALA A 196 7.36 8.74 15.62
N VAL A 197 7.81 7.83 14.77
CA VAL A 197 7.04 7.41 13.61
C VAL A 197 5.66 6.81 13.99
N LEU A 198 5.68 5.88 14.94
CA LEU A 198 4.49 5.26 15.47
C LEU A 198 3.53 6.31 16.02
N VAL A 199 4.08 7.23 16.81
CA VAL A 199 3.25 8.23 17.45
C VAL A 199 2.62 9.23 16.47
N TRP A 200 3.40 9.65 15.46
CA TRP A 200 2.90 10.58 14.45
C TRP A 200 1.73 9.92 13.72
N GLY A 201 1.90 8.63 13.39
CA GLY A 201 0.85 7.79 12.78
C GLY A 201 -0.38 7.62 13.65
N ALA A 202 -0.17 7.31 14.93
CA ALA A 202 -1.31 7.08 15.84
C ALA A 202 -2.15 8.33 15.97
N VAL A 203 -1.49 9.48 16.06
CA VAL A 203 -2.15 10.76 16.15
C VAL A 203 -2.96 11.12 14.90
N ALA A 204 -2.37 10.90 13.71
CA ALA A 204 -3.07 11.16 12.43
C ALA A 204 -4.31 10.25 12.34
N GLU A 205 -4.15 8.98 12.68
CA GLU A 205 -5.25 8.02 12.63
C GLU A 205 -6.40 8.32 13.63
N THR A 206 -6.09 8.82 14.82
CA THR A 206 -7.14 9.10 15.80
C THR A 206 -7.80 10.44 15.58
N CYS A 207 -7.09 11.33 14.89
CA CYS A 207 -7.58 12.69 14.60
C CYS A 207 -8.02 12.98 13.17
N ILE A 208 -7.68 12.10 12.23
CA ILE A 208 -8.05 12.36 10.82
C ILE A 208 -9.56 12.59 10.61
N ASN A 209 -10.40 11.93 11.43
N ASN A 209 -10.42 11.95 11.43
CA ASN A 209 -11.85 12.14 11.37
CA ASN A 209 -11.88 12.19 11.35
C ASN A 209 -12.18 13.63 11.39
C ASN A 209 -12.25 13.64 11.48
N ALA A 210 -11.39 14.39 12.15
CA ALA A 210 -11.60 15.82 12.32
C ALA A 210 -11.28 16.60 11.05
N LEU A 211 -10.23 16.21 10.34
CA LEU A 211 -9.94 16.86 9.08
C LEU A 211 -11.05 16.53 8.04
N LEU A 212 -11.51 15.27 8.02
CA LEU A 212 -12.54 14.85 7.05
C LEU A 212 -13.92 15.48 7.36
N ALA A 213 -14.22 15.66 8.63
CA ALA A 213 -15.52 16.17 9.05
C ALA A 213 -15.70 17.61 8.60
N LEU A 214 -14.61 18.31 8.32
CA LEU A 214 -14.73 19.68 7.82
C LEU A 214 -15.49 19.72 6.50
N LEU A 215 -15.29 18.71 5.65
CA LEU A 215 -15.99 18.67 4.36
C LEU A 215 -17.16 17.68 4.33
N ALA A 216 -17.06 16.59 5.10
CA ALA A 216 -18.01 15.45 5.03
C ALA A 216 -19.45 15.87 5.22
N ARG A 217 -19.66 16.83 6.11
CA ARG A 217 -21.02 17.24 6.48
C ARG A 217 -21.34 18.59 5.87
N ASP A 218 -20.48 19.08 4.96
CA ASP A 218 -20.79 20.33 4.28
C ASP A 218 -21.79 20.19 3.09
N ALA A 219 -23.00 20.69 3.26
CA ALA A 219 -24.04 20.59 2.22
C ALA A 219 -23.97 21.71 1.18
N THR A 220 -23.03 22.64 1.32
CA THR A 220 -22.90 23.74 0.35
C THR A 220 -21.91 23.50 -0.79
N ILE A 221 -21.00 22.54 -0.63
CA ILE A 221 -19.96 22.37 -1.66
C ILE A 221 -20.39 21.25 -2.60
N GLN A 222 -19.62 21.03 -3.66
CA GLN A 222 -19.84 19.90 -4.56
C GLN A 222 -20.19 18.61 -3.88
N PRO A 223 -21.32 17.99 -4.29
CA PRO A 223 -21.66 16.72 -3.63
C PRO A 223 -20.59 15.62 -3.61
N MET A 224 -19.81 15.48 -4.65
N MET A 224 -19.83 15.47 -4.67
CA MET A 224 -18.75 14.45 -4.64
CA MET A 224 -18.73 14.48 -4.69
C MET A 224 -17.61 14.74 -3.64
C MET A 224 -17.75 14.73 -3.52
N HIS A 225 -17.52 16.00 -3.21
CA HIS A 225 -16.50 16.40 -2.20
C HIS A 225 -16.91 16.01 -0.81
N SER A 226 -18.16 16.30 -0.42
CA SER A 226 -18.64 15.81 0.89
C SER A 226 -18.78 14.31 0.84
N LEU A 227 -19.15 13.76 -0.33
CA LEU A 227 -19.26 12.27 -0.44
C LEU A 227 -17.95 11.56 -0.16
N ILE A 228 -16.86 11.91 -0.84
CA ILE A 228 -15.63 11.16 -0.64
C ILE A 228 -15.05 11.32 0.76
N THR A 229 -15.14 12.53 1.33
CA THR A 229 -14.68 12.71 2.71
C THR A 229 -15.57 11.95 3.68
N THR A 230 -16.90 11.91 3.43
CA THR A 230 -17.78 11.05 4.21
C THR A 230 -17.36 9.56 4.21
N LEU A 231 -17.04 9.06 3.02
CA LEU A 231 -16.67 7.62 2.89
C LEU A 231 -15.34 7.32 3.59
N HIS A 232 -14.40 8.26 3.43
CA HIS A 232 -13.12 8.16 4.09
C HIS A 232 -13.33 8.22 5.60
N LEU A 233 -14.09 9.22 6.06
CA LEU A 233 -14.38 9.40 7.49
C LEU A 233 -14.94 8.14 8.19
N ARG A 234 -15.89 7.45 7.56
CA ARG A 234 -16.45 6.19 8.06
C ARG A 234 -15.41 5.07 8.24
N ASP A 235 -14.49 4.92 7.29
CA ASP A 235 -13.34 4.02 7.53
C ASP A 235 -12.44 4.54 8.69
N GLU A 236 -12.15 5.83 8.74
CA GLU A 236 -11.22 6.34 9.74
C GLU A 236 -11.73 6.34 11.19
N THR A 237 -13.07 6.35 11.37
CA THR A 237 -13.67 6.08 12.70
C THR A 237 -13.19 4.73 13.20
N ALA A 238 -13.21 3.71 12.35
CA ALA A 238 -12.62 2.41 12.72
C ALA A 238 -11.09 2.42 12.90
N HIS A 239 -10.36 3.11 12.03
CA HIS A 239 -8.87 3.15 12.10
C HIS A 239 -8.48 3.77 13.44
N GLY A 240 -9.17 4.83 13.86
CA GLY A 240 -8.93 5.51 15.14
C GLY A 240 -9.05 4.57 16.33
N SER A 241 -10.15 3.83 16.39
CA SER A 241 -10.35 2.83 17.45
C SER A 241 -9.34 1.71 17.42
N ILE A 242 -9.02 1.22 16.22
CA ILE A 242 -7.98 0.19 16.04
C ILE A 242 -6.65 0.65 16.56
N VAL A 243 -6.28 1.86 16.19
CA VAL A 243 -5.02 2.42 16.61
C VAL A 243 -4.95 2.58 18.16
N VAL A 244 -6.04 3.01 18.79
CA VAL A 244 -6.08 3.06 20.27
C VAL A 244 -5.81 1.70 20.85
N GLU A 245 -6.50 0.65 20.37
CA GLU A 245 -6.27 -0.69 20.91
C GLU A 245 -4.83 -1.16 20.71
N VAL A 246 -4.31 -0.94 19.51
CA VAL A 246 -2.96 -1.42 19.15
C VAL A 246 -1.92 -0.70 20.00
N VAL A 247 -2.00 0.62 20.04
CA VAL A 247 -1.05 1.40 20.87
C VAL A 247 -1.21 1.04 22.36
N ARG A 248 -2.44 0.84 22.79
CA ARG A 248 -2.69 0.36 24.16
C ARG A 248 -1.84 -0.90 24.46
N GLU A 249 -1.93 -1.88 23.57
CA GLU A 249 -1.19 -3.11 23.71
C GLU A 249 0.29 -2.91 23.61
N LEU A 250 0.73 -2.14 22.62
CA LEU A 250 2.16 -1.94 22.41
C LEU A 250 2.73 -1.15 23.57
N TYR A 251 2.02 -0.10 24.01
CA TYR A 251 2.53 0.75 25.10
C TYR A 251 2.70 -0.07 26.38
N ALA A 252 1.73 -0.95 26.66
CA ALA A 252 1.81 -1.86 27.84
C ALA A 252 3.08 -2.69 27.85
N ARG A 253 3.60 -3.05 26.68
CA ARG A 253 4.75 -3.95 26.57
C ARG A 253 6.08 -3.21 26.33
N MET A 254 6.04 -1.88 26.23
CA MET A 254 7.24 -1.10 25.95
C MET A 254 8.12 -1.03 27.19
N ASN A 255 9.43 -0.92 27.00
CA ASN A 255 10.32 -0.50 28.10
C ASN A 255 10.11 0.96 28.48
N GLU A 256 10.68 1.37 29.61
CA GLU A 256 10.51 2.73 30.10
C GLU A 256 11.05 3.83 29.18
N GLN A 257 12.14 3.54 28.48
CA GLN A 257 12.71 4.50 27.52
C GLN A 257 11.71 4.75 26.38
N GLN A 258 11.04 3.68 25.92
CA GLN A 258 10.09 3.75 24.82
C GLN A 258 8.87 4.49 25.28
N ARG A 259 8.43 4.13 26.48
CA ARG A 259 7.24 4.72 27.06
C ARG A 259 7.39 6.23 27.22
N ARG A 260 8.52 6.66 27.79
CA ARG A 260 8.81 8.11 27.97
C ARG A 260 8.87 8.84 26.64
N ALA A 261 9.56 8.25 25.65
CA ALA A 261 9.60 8.85 24.31
C ALA A 261 8.19 9.02 23.71
N LEU A 262 7.33 8.01 23.90
CA LEU A 262 5.97 8.04 23.38
C LEU A 262 5.25 9.24 23.96
N VAL A 263 5.33 9.38 25.28
CA VAL A 263 4.70 10.51 25.99
C VAL A 263 5.23 11.87 25.50
N ARG A 264 6.53 11.97 25.26
CA ARG A 264 7.11 13.22 24.76
C ARG A 264 6.60 13.58 23.36
N CYS A 265 6.54 12.56 22.51
CA CYS A 265 6.20 12.75 21.10
C CYS A 265 4.77 13.14 20.86
N LEU A 266 3.85 12.75 21.75
CA LEU A 266 2.43 13.00 21.54
C LEU A 266 2.06 14.47 21.27
N PRO A 267 2.39 15.39 22.19
CA PRO A 267 1.93 16.77 21.95
C PRO A 267 2.54 17.39 20.71
N ILE A 268 3.79 17.08 20.38
CA ILE A 268 4.36 17.53 19.11
C ILE A 268 3.72 16.93 17.81
N ALA A 269 3.41 15.63 17.85
CA ALA A 269 2.70 14.96 16.75
C ALA A 269 1.31 15.60 16.54
N LEU A 270 0.68 15.99 17.65
CA LEU A 270 -0.66 16.58 17.64
C LEU A 270 -0.69 17.90 16.86
N GLU A 271 0.18 18.84 17.27
CA GLU A 271 0.39 20.10 16.56
C GLU A 271 0.72 19.92 15.08
N ALA A 272 1.60 18.98 14.78
CA ALA A 272 2.03 18.76 13.42
C ALA A 272 0.86 18.29 12.56
N PHE A 273 -0.03 17.48 13.15
CA PHE A 273 -1.15 16.95 12.40
C PHE A 273 -2.14 18.09 12.13
N ALA A 274 -2.33 18.95 13.15
CA ALA A 274 -3.35 19.97 13.05
C ALA A 274 -2.91 21.25 12.32
N GLU A 275 -1.62 21.40 12.06
CA GLU A 275 -1.05 22.64 11.52
C GLU A 275 -1.52 23.06 10.11
N GLN A 276 -1.91 24.34 9.98
CA GLN A 276 -2.08 25.02 8.66
C GLN A 276 -0.71 25.23 8.04
N ASP A 277 -0.55 24.83 6.78
CA ASP A 277 0.67 25.07 6.02
C ASP A 277 0.53 26.47 5.39
N LEU A 278 1.05 27.48 6.09
CA LEU A 278 1.04 28.85 5.59
C LEU A 278 1.90 29.03 4.33
N SER A 279 2.96 28.25 4.18
CA SER A 279 3.69 28.33 2.90
C SER A 279 2.85 27.84 1.71
N ALA A 280 2.06 26.78 1.92
CA ALA A 280 1.13 26.33 0.89
C ALA A 280 0.09 27.40 0.60
N LEU A 281 -0.48 28.00 1.65
CA LEU A 281 -1.51 29.01 1.48
C LEU A 281 -0.96 30.20 0.68
N LEU A 282 0.21 30.70 1.06
CA LEU A 282 0.91 31.77 0.29
C LEU A 282 1.12 31.39 -1.19
N LEU A 283 1.59 30.17 -1.45
CA LEU A 283 1.79 29.69 -2.82
C LEU A 283 0.51 29.75 -3.67
N GLU A 284 -0.60 29.34 -3.06
CA GLU A 284 -1.91 29.34 -3.68
C GLU A 284 -2.41 30.76 -3.97
N LEU A 285 -2.31 31.66 -3.00
CA LEU A 285 -2.70 33.06 -3.18
C LEU A 285 -1.87 33.71 -4.28
N ASN A 286 -0.55 33.47 -4.26
CA ASN A 286 0.33 33.93 -5.32
C ASN A 286 0.01 33.32 -6.69
N ALA A 287 -0.48 32.09 -6.69
CA ALA A 287 -0.82 31.42 -7.95
C ALA A 287 -1.99 32.14 -8.62
N ALA A 288 -2.91 32.63 -7.81
CA ALA A 288 -4.03 33.41 -8.31
C ALA A 288 -3.73 34.94 -8.44
N GLY A 289 -2.47 35.34 -8.32
CA GLY A 289 -2.10 36.77 -8.35
C GLY A 289 -2.82 37.67 -7.35
N ILE A 290 -2.98 37.19 -6.12
CA ILE A 290 -3.63 38.02 -5.12
C ILE A 290 -2.58 39.04 -4.58
N ARG A 291 -2.84 40.32 -4.89
N ARG A 291 -2.76 40.31 -4.92
CA ARG A 291 -2.09 41.47 -4.36
CA ARG A 291 -1.84 41.34 -4.46
C ARG A 291 -2.11 41.48 -2.85
C ARG A 291 -2.05 41.59 -2.96
N GLY A 292 -0.94 41.59 -2.23
CA GLY A 292 -0.91 41.71 -0.77
C GLY A 292 -0.99 40.36 -0.09
N ALA A 293 -0.62 39.30 -0.83
CA ALA A 293 -0.74 37.92 -0.34
C ALA A 293 0.04 37.72 0.96
N GLU A 294 1.26 38.29 1.03
CA GLU A 294 2.08 38.27 2.30
C GLU A 294 1.36 38.78 3.53
N GLU A 295 0.53 39.78 3.32
CA GLU A 295 -0.19 40.45 4.39
C GLU A 295 -1.37 39.62 4.89
N ILE A 296 -2.06 38.93 3.97
CA ILE A 296 -3.13 38.00 4.35
C ILE A 296 -2.53 36.94 5.30
N VAL A 297 -1.40 36.41 4.89
CA VAL A 297 -0.78 35.27 5.54
C VAL A 297 -0.04 35.68 6.84
N GLY A 298 0.50 36.91 6.86
CA GLY A 298 1.08 37.49 8.08
C GLY A 298 -0.01 37.73 9.10
N ASP A 299 -1.09 38.38 8.70
CA ASP A 299 -2.27 38.50 9.56
C ASP A 299 -2.77 37.15 10.11
N LEU A 300 -2.63 36.07 9.31
CA LEU A 300 -3.10 34.72 9.69
C LEU A 300 -2.22 34.13 10.78
N ARG A 301 -0.91 34.19 10.59
N ARG A 301 -0.92 34.22 10.56
CA ARG A 301 0.04 33.86 11.68
CA ARG A 301 0.10 33.90 11.56
C ARG A 301 -0.31 34.56 12.98
C ARG A 301 -0.03 34.72 12.87
N SER A 302 -0.85 35.76 12.88
CA SER A 302 -1.07 36.59 14.07
C SER A 302 -2.44 36.40 14.65
N THR A 303 -3.23 35.53 14.02
CA THR A 303 -4.58 35.27 14.50
C THR A 303 -4.61 34.04 15.42
N ALA A 304 -5.39 34.16 16.50
CA ALA A 304 -5.61 33.07 17.43
C ALA A 304 -6.27 31.92 16.66
N GLY A 305 -5.61 30.77 16.68
CA GLY A 305 -6.05 29.57 15.91
C GLY A 305 -5.61 29.63 14.46
N GLY A 306 -4.91 30.71 14.09
CA GLY A 306 -4.55 30.96 12.70
C GLY A 306 -3.59 29.96 12.08
N THR A 307 -2.78 29.30 12.92
CA THR A 307 -1.85 28.31 12.44
C THR A 307 -2.43 26.88 12.51
N ARG A 308 -3.70 26.77 12.87
CA ARG A 308 -4.36 25.46 13.04
C ARG A 308 -5.48 25.19 12.03
N LEU A 309 -5.35 24.07 11.32
CA LEU A 309 -6.36 23.65 10.36
C LEU A 309 -7.46 22.82 11.08
N VAL A 310 -7.01 21.90 11.93
CA VAL A 310 -7.86 20.99 12.68
C VAL A 310 -7.89 21.51 14.11
N ARG A 311 -9.09 21.58 14.68
CA ARG A 311 -9.29 22.13 16.03
C ARG A 311 -9.78 21.08 17.01
N ASP A 312 -10.32 20.00 16.47
CA ASP A 312 -10.99 18.99 17.27
C ASP A 312 -10.01 17.83 17.51
N PHE A 313 -9.46 17.76 18.73
CA PHE A 313 -8.47 16.76 19.10
C PHE A 313 -9.10 15.63 19.89
N SER A 314 -10.43 15.54 19.84
CA SER A 314 -11.15 14.58 20.69
C SER A 314 -10.65 13.14 20.48
N GLY A 315 -10.24 12.77 19.25
CA GLY A 315 -9.77 11.41 19.01
C GLY A 315 -8.50 11.12 19.80
N ALA A 316 -7.56 12.05 19.75
CA ALA A 316 -6.29 11.89 20.47
C ALA A 316 -6.54 11.97 21.99
N ARG A 317 -7.52 12.80 22.38
CA ARG A 317 -7.93 12.84 23.79
C ARG A 317 -8.38 11.46 24.31
N LYS A 318 -9.25 10.78 23.56
N LYS A 318 -9.20 10.77 23.52
CA LYS A 318 -9.71 9.45 23.94
CA LYS A 318 -9.73 9.48 23.91
C LYS A 318 -8.52 8.52 24.04
C LYS A 318 -8.63 8.43 23.94
N MET A 319 -7.65 8.56 23.04
CA MET A 319 -6.47 7.69 23.08
C MET A 319 -5.63 7.97 24.34
N VAL A 320 -5.39 9.25 24.66
CA VAL A 320 -4.61 9.62 25.88
C VAL A 320 -5.30 9.10 27.14
N GLU A 321 -6.59 9.31 27.25
CA GLU A 321 -7.39 8.74 28.32
C GLU A 321 -7.21 7.22 28.41
N GLN A 322 -7.37 6.53 27.27
CA GLN A 322 -7.31 5.05 27.21
C GLN A 322 -5.94 4.46 27.56
N LEU A 323 -4.88 5.25 27.38
CA LEU A 323 -3.54 4.87 27.80
C LEU A 323 -3.23 5.25 29.25
N GLY A 324 -4.19 5.89 29.92
CA GLY A 324 -4.01 6.39 31.26
C GLY A 324 -3.02 7.55 31.36
N LEU A 325 -2.97 8.38 30.33
CA LEU A 325 -1.98 9.45 30.25
C LEU A 325 -2.50 10.87 30.41
N ASP A 326 -3.70 11.02 30.94
CA ASP A 326 -4.31 12.35 31.14
C ASP A 326 -3.35 13.33 31.84
N ASP A 327 -2.71 12.89 32.92
CA ASP A 327 -1.91 13.80 33.74
C ASP A 327 -0.47 13.99 33.26
N ALA A 328 0.00 13.09 32.40
CA ALA A 328 1.38 13.11 31.90
C ALA A 328 1.56 13.89 30.59
N VAL A 329 0.49 14.04 29.82
CA VAL A 329 0.49 14.73 28.53
C VAL A 329 -0.29 16.04 28.66
N ASP A 330 0.30 17.13 28.18
CA ASP A 330 -0.43 18.42 28.07
C ASP A 330 -1.70 18.35 27.17
N HIS B 16 15.98 5.99 6.28
CA HIS B 16 14.96 5.85 5.18
C HIS B 16 13.79 6.84 5.31
N LEU B 17 13.78 7.87 4.47
CA LEU B 17 12.70 8.86 4.40
C LEU B 17 11.47 8.24 3.74
N ALA B 18 10.28 8.45 4.30
CA ALA B 18 9.03 8.07 3.60
C ALA B 18 8.89 9.03 2.43
N THR B 19 8.18 8.60 1.39
CA THR B 19 7.96 9.39 0.18
C THR B 19 6.45 9.42 -0.17
N THR B 20 6.03 10.51 -0.80
CA THR B 20 4.70 10.56 -1.36
C THR B 20 4.78 11.20 -2.76
N TRP B 21 3.83 10.83 -3.62
CA TRP B 21 3.71 11.51 -4.91
C TRP B 21 2.68 12.63 -4.88
N ALA B 22 2.11 12.90 -3.70
CA ALA B 22 0.97 13.84 -3.54
C ALA B 22 1.30 15.29 -3.90
N ALA B 23 2.57 15.67 -3.82
CA ALA B 23 2.90 17.09 -3.97
C ALA B 23 3.45 17.46 -5.38
N ARG B 24 3.32 16.54 -6.35
CA ARG B 24 3.99 16.67 -7.64
C ARG B 24 3.39 17.79 -8.49
N GLY B 25 2.11 18.09 -8.34
CA GLY B 25 1.45 18.98 -9.27
C GLY B 25 1.32 18.35 -10.66
N TRP B 26 1.00 19.17 -11.64
CA TRP B 26 0.91 18.68 -13.00
C TRP B 26 1.10 19.76 -14.07
N VAL B 27 1.49 19.33 -15.25
CA VAL B 27 1.52 20.22 -16.41
C VAL B 27 0.55 19.64 -17.42
N GLU B 28 0.18 20.46 -18.42
CA GLU B 28 -0.74 19.99 -19.45
C GLU B 28 -0.05 18.95 -20.34
N GLU B 29 -0.79 17.89 -20.63
CA GLU B 29 -0.31 16.86 -21.51
C GLU B 29 -1.46 16.21 -22.25
N GLU B 30 -1.14 15.61 -23.39
CA GLU B 30 -2.08 14.83 -24.19
C GLU B 30 -2.28 13.46 -23.58
N GLY B 31 -3.48 13.19 -23.11
CA GLY B 31 -3.92 11.81 -22.97
C GLY B 31 -3.22 10.89 -23.94
N ILE B 32 -2.60 9.83 -23.42
CA ILE B 32 -2.90 8.49 -23.88
C ILE B 32 -4.40 8.35 -24.08
N GLY B 33 -4.78 7.79 -25.21
CA GLY B 33 -6.12 7.25 -25.39
C GLY B 33 -6.04 5.74 -25.57
N SER B 34 -5.69 5.01 -24.51
CA SER B 34 -5.68 3.54 -24.60
C SER B 34 -7.05 3.01 -24.28
N ALA B 35 -7.72 2.49 -25.30
CA ALA B 35 -9.07 1.98 -25.15
C ALA B 35 -9.09 0.72 -24.29
N THR B 36 -8.01 -0.06 -24.39
CA THR B 36 -7.88 -1.31 -23.62
C THR B 36 -7.77 -1.02 -22.12
N LEU B 37 -6.96 -0.02 -21.78
CA LEU B 37 -6.76 0.46 -20.42
C LEU B 37 -8.05 1.05 -19.87
N GLY B 38 -8.77 1.80 -20.71
CA GLY B 38 -10.06 2.37 -20.34
C GLY B 38 -11.03 1.28 -19.90
N ARG B 39 -11.06 0.21 -20.69
N ARG B 39 -11.04 0.19 -20.66
CA ARG B 39 -11.88 -0.96 -20.43
CA ARG B 39 -11.92 -0.94 -20.37
C ARG B 39 -11.53 -1.63 -19.08
C ARG B 39 -11.54 -1.68 -19.08
N LEU B 40 -10.24 -1.94 -18.89
CA LEU B 40 -9.72 -2.60 -17.67
C LEU B 40 -10.01 -1.76 -16.42
N VAL B 41 -9.79 -0.45 -16.52
CA VAL B 41 -10.05 0.46 -15.45
C VAL B 41 -11.54 0.50 -15.07
N ARG B 42 -12.40 0.57 -16.08
CA ARG B 42 -13.86 0.60 -15.85
C ARG B 42 -14.38 -0.70 -15.29
N ALA B 43 -13.77 -1.83 -15.63
CA ALA B 43 -14.22 -3.12 -15.15
C ALA B 43 -13.72 -3.46 -13.70
N TRP B 44 -12.91 -2.58 -13.13
CA TRP B 44 -12.27 -2.92 -11.84
C TRP B 44 -13.25 -3.24 -10.70
N PRO B 45 -14.25 -2.36 -10.46
CA PRO B 45 -15.15 -2.67 -9.33
C PRO B 45 -15.87 -4.01 -9.46
N ARG B 46 -16.22 -4.40 -10.69
CA ARG B 46 -16.97 -5.64 -10.88
C ARG B 46 -16.04 -6.82 -10.89
N ARG B 47 -14.78 -6.61 -11.29
CA ARG B 47 -13.77 -7.69 -11.28
C ARG B 47 -13.04 -7.96 -9.94
N ALA B 48 -12.63 -6.89 -9.25
CA ALA B 48 -11.60 -7.02 -8.16
C ALA B 48 -12.03 -7.96 -7.06
N ALA B 49 -11.09 -8.80 -6.62
CA ALA B 49 -11.32 -9.68 -5.46
C ALA B 49 -11.62 -8.91 -4.18
N VAL B 50 -10.99 -7.75 -4.00
CA VAL B 50 -11.21 -6.93 -2.82
C VAL B 50 -12.68 -6.53 -2.71
N VAL B 51 -13.26 -6.16 -3.85
CA VAL B 51 -14.63 -5.71 -3.87
C VAL B 51 -15.58 -6.87 -3.64
N ASN B 52 -15.33 -8.01 -4.30
CA ASN B 52 -16.29 -9.12 -4.42
C ASN B 52 -16.05 -10.31 -3.54
N LYS B 53 -14.86 -10.40 -2.94
CA LYS B 53 -14.48 -11.52 -2.12
C LYS B 53 -13.75 -11.11 -0.86
N ALA B 54 -14.06 -9.91 -0.34
CA ALA B 54 -13.43 -9.39 0.90
C ALA B 54 -13.59 -10.31 2.11
N ASP B 55 -14.75 -10.98 2.14
N ASP B 55 -14.75 -10.97 2.19
CA ASP B 55 -15.16 -11.90 3.20
CA ASP B 55 -15.07 -11.83 3.30
C ASP B 55 -14.35 -13.18 3.21
C ASP B 55 -14.45 -13.20 3.07
N ILE B 56 -13.30 -13.21 2.41
CA ILE B 56 -12.47 -14.38 2.25
C ILE B 56 -11.98 -14.77 3.62
N LEU B 57 -12.10 -16.07 3.93
CA LEU B 57 -11.44 -16.67 5.10
C LEU B 57 -12.04 -16.17 6.43
N ASP B 58 -13.30 -15.77 6.36
CA ASP B 58 -14.09 -15.52 7.57
C ASP B 58 -14.99 -16.71 7.89
N GLU B 59 -15.44 -17.36 6.76
CA GLU B 59 -16.39 -18.47 6.82
C GLU B 59 -15.75 -19.78 7.29
N TRP B 60 -16.46 -20.48 8.19
CA TRP B 60 -16.05 -21.79 8.70
C TRP B 60 -16.74 -22.93 7.96
N ALA B 61 -15.93 -23.74 7.29
CA ALA B 61 -16.40 -24.87 6.48
C ALA B 61 -15.88 -26.19 7.02
N ASP B 62 -16.48 -27.29 6.58
CA ASP B 62 -16.03 -28.64 6.97
C ASP B 62 -14.58 -28.93 6.52
N TYR B 63 -13.66 -28.82 7.47
CA TYR B 63 -12.21 -28.95 7.22
C TYR B 63 -11.70 -30.38 7.43
N ASP B 64 -10.97 -30.88 6.44
CA ASP B 64 -10.44 -32.23 6.47
C ASP B 64 -8.91 -32.26 6.55
N THR B 65 -8.41 -32.59 7.74
CA THR B 65 -6.98 -32.63 7.98
C THR B 65 -6.19 -33.58 7.07
N LEU B 66 -6.86 -34.57 6.50
CA LEU B 66 -6.17 -35.54 5.65
C LEU B 66 -5.91 -35.03 4.23
N VAL B 67 -6.63 -33.98 3.82
CA VAL B 67 -6.37 -33.33 2.52
C VAL B 67 -5.06 -32.53 2.62
N PRO B 68 -4.17 -32.71 1.63
CA PRO B 68 -2.83 -32.12 1.74
C PRO B 68 -2.84 -30.61 1.47
N ASP B 69 -1.82 -29.92 1.94
CA ASP B 69 -1.75 -28.47 1.77
C ASP B 69 -1.14 -28.04 0.42
N TYR B 70 -0.33 -28.92 -0.15
CA TYR B 70 0.49 -28.63 -1.32
C TYR B 70 0.56 -29.88 -2.22
N PRO B 71 0.63 -29.72 -3.56
CA PRO B 71 0.59 -30.89 -4.47
C PRO B 71 1.96 -31.54 -4.63
N LEU B 72 2.09 -32.78 -4.16
CA LEU B 72 3.33 -33.55 -4.28
C LEU B 72 3.92 -33.48 -5.70
N GLU B 73 3.03 -33.44 -6.69
CA GLU B 73 3.36 -33.37 -8.11
C GLU B 73 4.32 -32.21 -8.49
N ILE B 74 4.37 -31.15 -7.67
CA ILE B 74 5.29 -30.04 -7.94
C ILE B 74 6.43 -29.92 -6.92
N VAL B 75 6.55 -30.91 -6.04
CA VAL B 75 7.63 -30.93 -5.06
C VAL B 75 8.86 -31.55 -5.75
N PRO B 76 9.92 -30.74 -5.95
CA PRO B 76 11.06 -31.09 -6.82
C PRO B 76 11.86 -32.31 -6.33
N PHE B 77 11.73 -32.63 -5.04
CA PHE B 77 12.35 -33.81 -4.47
C PHE B 77 11.30 -34.83 -3.99
N ALA B 78 10.12 -34.80 -4.61
CA ALA B 78 9.02 -35.71 -4.27
C ALA B 78 9.48 -37.16 -4.07
N GLU B 79 10.30 -37.65 -4.99
CA GLU B 79 10.67 -39.07 -5.00
C GLU B 79 12.15 -39.35 -4.67
N HIS B 80 12.83 -38.41 -4.01
CA HIS B 80 14.20 -38.65 -3.57
C HIS B 80 14.23 -39.63 -2.40
N PRO B 81 15.08 -40.67 -2.49
CA PRO B 81 15.37 -41.66 -1.45
C PRO B 81 15.30 -41.12 -0.01
N LEU B 82 16.17 -40.17 0.33
CA LEU B 82 16.30 -39.69 1.72
C LEU B 82 15.04 -38.98 2.27
N PHE B 83 14.19 -38.50 1.34
CA PHE B 83 12.89 -37.88 1.65
C PHE B 83 11.79 -38.94 1.69
N LEU B 84 11.85 -39.90 0.78
CA LEU B 84 10.92 -41.04 0.77
C LEU B 84 11.07 -41.90 2.02
N ALA B 85 12.29 -42.01 2.52
CA ALA B 85 12.61 -42.81 3.71
C ALA B 85 11.99 -42.26 4.99
N ALA B 86 11.99 -40.93 5.14
CA ALA B 86 11.50 -40.26 6.36
C ALA B 86 10.03 -40.57 6.72
N GLU B 87 9.70 -40.42 8.00
CA GLU B 87 8.34 -40.70 8.52
C GLU B 87 7.27 -39.82 7.87
N PRO B 88 6.02 -40.33 7.77
CA PRO B 88 4.92 -39.58 7.14
C PRO B 88 4.69 -38.19 7.72
N HIS B 89 4.89 -38.05 9.04
CA HIS B 89 4.64 -36.78 9.72
C HIS B 89 5.71 -35.74 9.37
N GLN B 90 6.91 -36.22 9.05
CA GLN B 90 7.96 -35.35 8.54
C GLN B 90 7.66 -34.88 7.12
N ARG B 91 7.13 -35.79 6.30
CA ARG B 91 6.80 -35.50 4.90
C ARG B 91 5.63 -34.52 4.75
N GLN B 92 4.66 -34.59 5.66
N GLN B 92 4.67 -34.60 5.66
CA GLN B 92 3.51 -33.67 5.62
CA GLN B 92 3.51 -33.70 5.69
C GLN B 92 3.91 -32.27 6.10
C GLN B 92 3.90 -32.29 6.12
N ARG B 93 4.70 -32.20 7.17
CA ARG B 93 5.23 -30.94 7.68
C ARG B 93 6.02 -30.17 6.62
N VAL B 94 6.81 -30.89 5.83
CA VAL B 94 7.55 -30.28 4.73
C VAL B 94 6.59 -29.78 3.64
N LEU B 95 5.52 -30.54 3.41
CA LEU B 95 4.54 -30.21 2.40
C LEU B 95 3.75 -28.95 2.85
N THR B 96 3.42 -28.92 4.13
CA THR B 96 2.70 -27.82 4.74
C THR B 96 3.58 -26.58 4.73
N GLY B 97 4.84 -26.77 5.11
CA GLY B 97 5.82 -25.68 5.12
C GLY B 97 6.07 -25.06 3.75
N MET B 98 5.95 -25.88 2.71
CA MET B 98 6.10 -25.42 1.33
C MET B 98 4.85 -24.63 0.84
N TRP B 99 3.68 -25.01 1.33
CA TRP B 99 2.46 -24.24 1.10
C TRP B 99 2.59 -22.85 1.77
N ILE B 100 3.22 -22.82 2.93
CA ILE B 100 3.43 -21.59 3.65
C ILE B 100 4.45 -20.80 2.88
N GLY B 101 5.52 -21.49 2.45
CA GLY B 101 6.62 -20.82 1.75
C GLY B 101 6.17 -20.17 0.46
N TYR B 102 5.18 -20.79 -0.14
CA TYR B 102 4.52 -20.35 -1.35
C TYR B 102 3.77 -19.01 -1.17
N ASN B 103 2.88 -18.98 -0.18
CA ASN B 103 2.28 -17.73 0.28
C ASN B 103 3.32 -16.70 0.65
N GLU B 104 4.37 -17.10 1.39
CA GLU B 104 5.45 -16.15 1.71
C GLU B 104 6.13 -15.63 0.42
N ARG B 105 6.35 -16.53 -0.55
CA ARG B 105 6.89 -16.14 -1.85
C ARG B 105 5.95 -15.14 -2.57
N VAL B 106 4.65 -15.38 -2.53
CA VAL B 106 3.69 -14.46 -3.18
C VAL B 106 3.71 -13.09 -2.51
N ILE B 107 3.72 -13.04 -1.18
CA ILE B 107 3.68 -11.74 -0.48
C ILE B 107 4.98 -10.99 -0.73
N ALA B 108 6.09 -11.71 -0.70
CA ALA B 108 7.39 -11.08 -0.86
C ALA B 108 7.53 -10.53 -2.29
N THR B 109 6.98 -11.25 -3.26
CA THR B 109 6.95 -10.76 -4.63
C THR B 109 6.11 -9.50 -4.79
N GLU B 110 4.93 -9.43 -4.14
CA GLU B 110 4.15 -8.19 -4.13
C GLU B 110 4.93 -7.07 -3.55
N GLN B 111 5.54 -7.30 -2.39
CA GLN B 111 6.13 -6.20 -1.66
C GLN B 111 7.54 -5.80 -2.16
N LEU B 112 8.30 -6.78 -2.65
CA LEU B 112 9.69 -6.48 -3.06
C LEU B 112 9.79 -6.15 -4.52
N ILE B 113 8.85 -6.65 -5.32
CA ILE B 113 8.93 -6.65 -6.80
C ILE B 113 7.82 -5.85 -7.50
N ALA B 114 6.56 -6.31 -7.36
CA ALA B 114 5.42 -5.65 -8.03
C ALA B 114 5.23 -4.23 -7.53
N GLU B 115 5.04 -4.04 -6.21
CA GLU B 115 4.66 -2.72 -5.69
C GLU B 115 5.72 -1.62 -5.93
N PRO B 116 7.01 -1.96 -5.77
CA PRO B 116 8.02 -0.94 -6.02
C PRO B 116 8.04 -0.45 -7.48
N ALA B 117 7.68 -1.31 -8.42
CA ALA B 117 7.55 -0.94 -9.83
C ALA B 117 6.34 -0.01 -10.04
N PHE B 118 5.22 -0.36 -9.40
CA PHE B 118 4.00 0.44 -9.51
C PHE B 118 4.27 1.78 -8.93
N ASP B 119 5.05 1.80 -7.84
CA ASP B 119 5.35 3.04 -7.11
C ASP B 119 6.15 4.00 -7.99
N LEU B 120 7.11 3.46 -8.76
CA LEU B 120 7.83 4.27 -9.75
C LEU B 120 6.94 4.96 -10.79
N VAL B 121 6.00 4.22 -11.36
CA VAL B 121 5.01 4.79 -12.27
C VAL B 121 4.25 5.92 -11.57
N MET B 122 3.72 5.65 -10.36
CA MET B 122 2.93 6.66 -9.62
C MET B 122 3.71 7.91 -9.35
N HIS B 123 5.02 7.76 -9.14
CA HIS B 123 5.91 8.88 -8.95
C HIS B 123 6.36 9.62 -10.23
N GLY B 124 5.88 9.21 -11.40
CA GLY B 124 6.14 9.96 -12.62
C GLY B 124 7.60 9.98 -13.06
N VAL B 125 8.31 8.89 -12.76
CA VAL B 125 9.73 8.74 -13.01
C VAL B 125 10.04 8.41 -14.51
N PHE B 126 9.04 7.96 -15.26
CA PHE B 126 9.19 7.64 -16.69
C PHE B 126 8.32 8.57 -17.56
N PRO B 127 8.88 9.01 -18.71
CA PRO B 127 8.03 9.81 -19.61
C PRO B 127 6.77 9.05 -20.02
N GLY B 128 5.63 9.73 -20.00
CA GLY B 128 4.36 9.08 -20.28
C GLY B 128 3.58 8.57 -19.06
N SER B 129 4.25 8.47 -17.90
CA SER B 129 3.61 7.90 -16.69
C SER B 129 2.65 8.85 -15.97
N ASP B 130 2.72 10.13 -16.29
CA ASP B 130 1.84 11.13 -15.66
C ASP B 130 0.37 11.05 -16.13
N ASP B 131 0.10 10.20 -17.10
CA ASP B 131 -1.23 10.08 -17.71
C ASP B 131 -2.25 9.58 -16.70
N PRO B 132 -3.39 10.30 -16.56
CA PRO B 132 -4.45 10.01 -15.59
C PRO B 132 -5.02 8.62 -15.72
N LEU B 133 -5.15 8.13 -16.95
CA LEU B 133 -5.62 6.76 -17.16
C LEU B 133 -4.58 5.75 -16.71
N ILE B 134 -3.31 6.04 -16.95
CA ILE B 134 -2.27 5.10 -16.49
C ILE B 134 -2.28 5.10 -14.96
N ARG B 135 -2.42 6.27 -14.38
CA ARG B 135 -2.39 6.44 -12.92
C ARG B 135 -3.54 5.69 -12.25
N LYS B 136 -4.71 5.77 -12.87
CA LYS B 136 -5.90 5.09 -12.40
C LYS B 136 -5.73 3.57 -12.43
N SER B 137 -5.19 3.04 -13.53
CA SER B 137 -5.06 1.59 -13.67
C SER B 137 -4.07 1.06 -12.66
N VAL B 138 -3.01 1.83 -12.43
CA VAL B 138 -1.96 1.43 -11.51
C VAL B 138 -2.39 1.50 -10.03
N GLN B 139 -3.10 2.57 -9.65
CA GLN B 139 -3.51 2.75 -8.28
C GLN B 139 -4.55 1.66 -7.95
N GLN B 140 -5.47 1.38 -8.86
CA GLN B 140 -6.29 0.16 -8.71
C GLN B 140 -5.48 -1.13 -8.48
N ALA B 141 -4.40 -1.34 -9.23
CA ALA B 141 -3.62 -2.58 -9.06
C ALA B 141 -2.91 -2.59 -7.72
N ILE B 142 -2.50 -1.41 -7.26
CA ILE B 142 -1.85 -1.25 -5.96
C ILE B 142 -2.85 -1.55 -4.82
N VAL B 143 -4.09 -1.12 -4.98
CA VAL B 143 -5.15 -1.54 -4.02
C VAL B 143 -5.31 -3.05 -4.00
N ASP B 144 -5.35 -3.66 -5.19
CA ASP B 144 -5.44 -5.14 -5.31
C ASP B 144 -4.26 -5.85 -4.65
N GLU B 145 -3.04 -5.33 -4.82
CA GLU B 145 -1.89 -6.02 -4.21
C GLU B 145 -1.94 -6.01 -2.67
N SER B 146 -2.44 -4.91 -2.09
CA SER B 146 -2.63 -4.84 -0.63
CA SER B 146 -2.63 -4.82 -0.64
C SER B 146 -3.63 -5.90 -0.20
N PHE B 147 -4.69 -6.04 -0.97
CA PHE B 147 -5.70 -7.05 -0.69
C PHE B 147 -5.15 -8.46 -0.90
N HIS B 148 -4.35 -8.68 -1.97
CA HIS B 148 -3.69 -9.99 -2.19
C HIS B 148 -2.76 -10.33 -1.01
N THR B 149 -1.98 -9.36 -0.56
CA THR B 149 -1.14 -9.57 0.60
C THR B 149 -2.02 -10.02 1.79
N TYR B 150 -3.13 -9.31 1.99
CA TYR B 150 -4.06 -9.60 3.08
C TYR B 150 -4.58 -11.05 3.02
N MET B 151 -5.08 -11.48 1.87
CA MET B 151 -5.57 -12.86 1.67
C MET B 151 -4.53 -13.91 1.98
N HIS B 152 -3.34 -13.77 1.37
CA HIS B 152 -2.24 -14.70 1.60
C HIS B 152 -1.79 -14.72 3.05
N MET B 153 -1.76 -13.56 3.70
CA MET B 153 -1.49 -13.48 5.14
C MET B 153 -2.51 -14.28 5.96
N LEU B 154 -3.79 -14.11 5.65
CA LEU B 154 -4.86 -14.85 6.35
C LEU B 154 -4.76 -16.35 6.04
N ALA B 155 -4.37 -16.69 4.83
CA ALA B 155 -4.19 -18.11 4.46
C ALA B 155 -3.10 -18.73 5.30
N ILE B 156 -2.00 -18.03 5.48
CA ILE B 156 -0.95 -18.51 6.36
C ILE B 156 -1.42 -18.67 7.79
N ASP B 157 -2.13 -17.65 8.31
CA ASP B 157 -2.60 -17.74 9.71
C ASP B 157 -3.62 -18.89 9.91
N ARG B 158 -4.53 -19.10 8.95
N ARG B 158 -4.52 -19.10 8.94
CA ARG B 158 -5.49 -20.21 9.00
CA ARG B 158 -5.49 -20.19 8.99
C ARG B 158 -4.74 -21.54 9.13
C ARG B 158 -4.82 -21.57 9.04
N THR B 159 -3.75 -21.74 8.25
CA THR B 159 -2.92 -22.94 8.25
C THR B 159 -2.18 -23.10 9.59
N ARG B 160 -1.52 -22.04 10.06
CA ARG B 160 -0.85 -22.06 11.36
C ARG B 160 -1.79 -22.54 12.47
N GLU B 161 -3.04 -22.07 12.43
CA GLU B 161 -4.06 -22.45 13.43
C GLU B 161 -4.47 -23.90 13.30
N LEU B 162 -4.94 -24.28 12.11
CA LEU B 162 -5.46 -25.63 11.88
C LEU B 162 -4.38 -26.73 11.96
N ARG B 163 -3.19 -26.48 11.39
CA ARG B 163 -2.07 -27.43 11.46
C ARG B 163 -1.30 -27.31 12.76
N LYS B 164 -1.79 -26.44 13.65
CA LYS B 164 -1.14 -26.18 14.95
C LYS B 164 0.38 -26.04 14.80
N ILE B 165 0.81 -25.11 13.96
CA ILE B 165 2.23 -24.86 13.77
C ILE B 165 2.71 -23.80 14.77
N SER B 166 3.44 -24.25 15.80
CA SER B 166 3.88 -23.39 16.89
C SER B 166 4.94 -22.37 16.49
N GLU B 167 5.89 -22.82 15.67
CA GLU B 167 7.07 -22.05 15.29
C GLU B 167 7.33 -22.22 13.79
N ARG B 168 7.83 -21.16 13.16
CA ARG B 168 8.40 -21.20 11.81
C ARG B 168 9.60 -20.29 11.81
N PRO B 169 10.79 -20.80 11.40
CA PRO B 169 12.02 -20.00 11.41
C PRO B 169 12.00 -18.81 10.43
N PRO B 170 12.88 -17.80 10.63
CA PRO B 170 12.93 -16.74 9.62
C PRO B 170 13.37 -17.36 8.27
N GLN B 171 12.85 -16.83 7.17
CA GLN B 171 13.05 -17.43 5.85
C GLN B 171 14.09 -16.69 5.04
N PRO B 172 14.67 -17.33 4.00
CA PRO B 172 15.61 -16.57 3.16
C PRO B 172 14.93 -15.45 2.39
N GLU B 173 15.67 -14.38 2.09
CA GLU B 173 15.16 -13.30 1.24
C GLU B 173 14.68 -13.86 -0.12
N LEU B 174 13.53 -13.37 -0.58
CA LEU B 174 13.00 -13.80 -1.88
C LEU B 174 14.15 -13.89 -2.93
N VAL B 175 14.39 -15.09 -3.46
CA VAL B 175 15.42 -15.32 -4.49
C VAL B 175 15.35 -14.33 -5.69
N THR B 176 14.13 -14.11 -6.21
CA THR B 176 13.88 -13.09 -7.25
C THR B 176 14.51 -11.76 -6.85
N TYR B 177 14.37 -11.39 -5.57
CA TYR B 177 14.90 -10.13 -5.12
C TYR B 177 16.39 -10.19 -4.85
N ARG B 178 16.92 -11.32 -4.35
CA ARG B 178 18.38 -11.42 -4.20
C ARG B 178 19.08 -11.12 -5.58
N ARG B 179 18.49 -11.60 -6.68
CA ARG B 179 18.99 -11.32 -8.03
C ARG B 179 18.86 -9.84 -8.39
N LEU B 180 17.70 -9.23 -8.13
CA LEU B 180 17.54 -7.81 -8.41
C LEU B 180 18.48 -6.95 -7.57
N ARG B 181 18.64 -7.28 -6.29
N ARG B 181 18.66 -7.30 -6.30
CA ARG B 181 19.53 -6.52 -5.42
CA ARG B 181 19.52 -6.53 -5.40
C ARG B 181 20.93 -6.45 -6.02
C ARG B 181 20.97 -6.48 -5.93
N ARG B 182 21.42 -7.60 -6.48
CA ARG B 182 22.78 -7.74 -7.04
C ARG B 182 22.92 -6.95 -8.34
N VAL B 183 21.91 -6.94 -9.21
CA VAL B 183 21.96 -6.03 -10.36
C VAL B 183 21.99 -4.57 -10.00
N LEU B 184 21.24 -4.19 -8.97
CA LEU B 184 21.20 -2.78 -8.55
C LEU B 184 22.52 -2.34 -7.99
N ALA B 185 23.25 -3.27 -7.36
CA ALA B 185 24.51 -2.95 -6.72
C ALA B 185 25.52 -2.37 -7.72
N ASP B 186 25.40 -2.73 -8.98
CA ASP B 186 26.33 -2.21 -10.00
C ASP B 186 25.72 -1.04 -10.77
N MET B 187 24.54 -0.58 -10.36
CA MET B 187 23.90 0.57 -11.05
C MET B 187 23.98 1.85 -10.23
N PRO B 188 24.99 2.70 -10.51
CA PRO B 188 25.13 3.93 -9.75
C PRO B 188 24.20 5.05 -10.22
N GLU B 189 23.60 4.92 -11.40
CA GLU B 189 22.66 5.95 -11.85
C GLU B 189 21.21 5.55 -11.62
N GLN B 190 20.44 6.51 -11.09
CA GLN B 190 19.04 6.30 -10.72
C GLN B 190 18.22 5.82 -11.90
N TRP B 191 18.41 6.46 -13.05
CA TRP B 191 17.65 6.16 -14.26
C TRP B 191 17.70 4.68 -14.63
N GLU B 192 18.85 4.07 -14.39
CA GLU B 192 19.06 2.67 -14.79
C GLU B 192 18.46 1.72 -13.74
N ARG B 193 18.62 2.07 -12.46
CA ARG B 193 17.97 1.35 -11.37
C ARG B 193 16.45 1.33 -11.55
N ASP B 194 15.89 2.48 -11.92
CA ASP B 194 14.45 2.61 -12.16
C ASP B 194 14.01 1.68 -13.25
N ILE B 195 14.85 1.53 -14.28
CA ILE B 195 14.47 0.66 -15.37
C ILE B 195 14.49 -0.78 -14.89
N ALA B 196 15.52 -1.15 -14.14
CA ALA B 196 15.60 -2.53 -13.67
C ALA B 196 14.40 -2.84 -12.75
N VAL B 197 14.08 -1.90 -11.85
CA VAL B 197 12.92 -2.07 -10.94
C VAL B 197 11.65 -2.25 -11.75
N LEU B 198 11.40 -1.33 -12.68
CA LEU B 198 10.26 -1.47 -13.58
C LEU B 198 10.19 -2.83 -14.24
N VAL B 199 11.32 -3.29 -14.77
CA VAL B 199 11.30 -4.50 -15.57
C VAL B 199 11.06 -5.73 -14.70
N TRP B 200 11.72 -5.79 -13.53
CA TRP B 200 11.49 -6.93 -12.62
C TRP B 200 10.01 -6.98 -12.26
N GLY B 201 9.41 -5.81 -12.05
CA GLY B 201 7.99 -5.71 -11.77
C GLY B 201 7.07 -6.14 -12.91
N ALA B 202 7.35 -5.67 -14.13
CA ALA B 202 6.56 -6.05 -15.30
C ALA B 202 6.60 -7.53 -15.56
N VAL B 203 7.76 -8.14 -15.35
CA VAL B 203 7.92 -9.58 -15.50
C VAL B 203 7.09 -10.39 -14.49
N ALA B 204 7.26 -10.07 -13.20
CA ALA B 204 6.41 -10.64 -12.13
C ALA B 204 4.93 -10.57 -12.51
N GLU B 205 4.46 -9.38 -12.86
CA GLU B 205 3.05 -9.17 -13.19
C GLU B 205 2.54 -9.99 -14.39
N THR B 206 3.39 -10.14 -15.41
CA THR B 206 2.99 -10.89 -16.59
C THR B 206 3.19 -12.38 -16.43
N CYS B 207 4.02 -12.81 -15.51
CA CYS B 207 4.28 -14.24 -15.36
C CYS B 207 3.71 -14.84 -14.09
N ILE B 208 3.17 -13.99 -13.19
CA ILE B 208 2.66 -14.49 -11.91
C ILE B 208 1.54 -15.54 -12.00
N ASN B 209 0.73 -15.48 -13.07
N ASN B 209 0.72 -15.51 -13.06
CA ASN B 209 -0.32 -16.49 -13.35
CA ASN B 209 -0.33 -16.53 -13.22
C ASN B 209 0.24 -17.91 -13.32
C ASN B 209 0.19 -17.95 -13.39
N ALA B 210 1.41 -18.07 -13.92
CA ALA B 210 2.07 -19.37 -14.00
C ALA B 210 2.38 -19.84 -12.59
N LEU B 211 2.79 -18.93 -11.70
CA LEU B 211 3.03 -19.33 -10.32
C LEU B 211 1.72 -19.75 -9.67
N LEU B 212 0.68 -18.93 -9.83
CA LEU B 212 -0.63 -19.14 -9.20
C LEU B 212 -1.34 -20.36 -9.73
N ALA B 213 -1.27 -20.56 -11.05
CA ALA B 213 -1.90 -21.70 -11.71
C ALA B 213 -1.41 -23.04 -11.16
N LEU B 214 -0.14 -23.09 -10.72
CA LEU B 214 0.38 -24.31 -10.06
C LEU B 214 -0.57 -24.82 -8.98
N LEU B 215 -1.21 -23.91 -8.26
CA LEU B 215 -2.14 -24.29 -7.19
C LEU B 215 -3.60 -24.06 -7.53
N ALA B 216 -3.87 -23.06 -8.36
CA ALA B 216 -5.25 -22.62 -8.60
C ALA B 216 -6.10 -23.74 -9.23
N ARG B 217 -5.53 -24.50 -10.16
CA ARG B 217 -6.30 -25.54 -10.85
C ARG B 217 -6.09 -26.95 -10.26
N ASP B 218 -5.43 -27.05 -9.11
CA ASP B 218 -5.22 -28.34 -8.46
C ASP B 218 -6.38 -28.72 -7.50
N ALA B 219 -6.85 -29.95 -7.64
CA ALA B 219 -8.13 -30.38 -7.05
C ALA B 219 -7.91 -31.30 -5.86
N THR B 220 -6.64 -31.56 -5.56
CA THR B 220 -6.27 -32.57 -4.58
C THR B 220 -5.83 -31.92 -3.28
N ILE B 221 -5.45 -30.65 -3.36
CA ILE B 221 -5.05 -29.89 -2.18
C ILE B 221 -6.28 -29.26 -1.51
N GLN B 222 -6.10 -28.84 -0.27
CA GLN B 222 -7.10 -28.06 0.46
C GLN B 222 -7.77 -27.08 -0.48
N PRO B 223 -9.11 -27.15 -0.57
CA PRO B 223 -9.97 -26.26 -1.34
C PRO B 223 -9.70 -24.75 -1.19
N MET B 224 -9.38 -24.28 0.01
N MET B 224 -9.40 -24.29 0.02
CA MET B 224 -9.15 -22.85 0.19
CA MET B 224 -9.09 -22.88 0.27
C MET B 224 -7.82 -22.40 -0.44
C MET B 224 -7.88 -22.46 -0.57
N HIS B 225 -6.88 -23.32 -0.57
CA HIS B 225 -5.61 -23.06 -1.24
C HIS B 225 -5.76 -22.83 -2.74
N SER B 226 -6.44 -23.75 -3.43
CA SER B 226 -6.77 -23.56 -4.84
C SER B 226 -7.70 -22.35 -5.04
N LEU B 227 -8.62 -22.13 -4.10
CA LEU B 227 -9.54 -20.99 -4.20
C LEU B 227 -8.87 -19.59 -4.12
N ILE B 228 -8.07 -19.34 -3.09
CA ILE B 228 -7.48 -18.00 -3.00
C ILE B 228 -6.51 -17.75 -4.15
N THR B 229 -5.79 -18.79 -4.60
CA THR B 229 -4.86 -18.65 -5.71
C THR B 229 -5.66 -18.34 -6.96
N THR B 230 -6.84 -18.95 -7.06
CA THR B 230 -7.77 -18.72 -8.16
C THR B 230 -8.26 -17.26 -8.19
N LEU B 231 -8.73 -16.78 -7.03
CA LEU B 231 -9.10 -15.35 -6.89
C LEU B 231 -7.97 -14.39 -7.21
N HIS B 232 -6.79 -14.68 -6.72
CA HIS B 232 -5.64 -13.84 -6.99
C HIS B 232 -5.37 -13.85 -8.52
N LEU B 233 -5.39 -15.05 -9.09
CA LEU B 233 -5.13 -15.30 -10.53
C LEU B 233 -6.01 -14.46 -11.41
N ARG B 234 -7.30 -14.43 -11.07
N ARG B 234 -7.30 -14.40 -11.08
CA ARG B 234 -8.32 -13.61 -11.72
CA ARG B 234 -8.24 -13.59 -11.84
C ARG B 234 -7.95 -12.13 -11.77
C ARG B 234 -7.99 -12.08 -11.78
N ASP B 235 -7.44 -11.59 -10.67
CA ASP B 235 -7.00 -10.17 -10.65
C ASP B 235 -5.74 -10.01 -11.49
N GLU B 236 -4.84 -10.99 -11.43
CA GLU B 236 -3.52 -10.85 -12.09
C GLU B 236 -3.62 -10.95 -13.64
N THR B 237 -4.69 -11.55 -14.14
CA THR B 237 -4.99 -11.52 -15.58
C THR B 237 -5.14 -10.09 -16.05
N ALA B 238 -5.91 -9.32 -15.28
CA ALA B 238 -6.07 -7.91 -15.57
C ALA B 238 -4.77 -7.15 -15.36
N HIS B 239 -4.02 -7.40 -14.28
CA HIS B 239 -2.73 -6.70 -14.10
C HIS B 239 -1.76 -7.00 -15.24
N GLY B 240 -1.70 -8.26 -15.68
CA GLY B 240 -0.91 -8.64 -16.86
C GLY B 240 -1.19 -7.73 -18.04
N SER B 241 -2.45 -7.60 -18.43
CA SER B 241 -2.83 -6.73 -19.52
C SER B 241 -2.61 -5.29 -19.22
N ILE B 242 -2.86 -4.87 -17.97
CA ILE B 242 -2.58 -3.48 -17.58
C ILE B 242 -1.10 -3.17 -17.76
N VAL B 243 -0.25 -4.10 -17.33
CA VAL B 243 1.19 -3.86 -17.41
C VAL B 243 1.67 -3.77 -18.90
N VAL B 244 1.18 -4.65 -19.76
CA VAL B 244 1.50 -4.54 -21.21
C VAL B 244 1.19 -3.15 -21.77
N GLU B 245 0.01 -2.61 -21.48
CA GLU B 245 -0.35 -1.30 -21.98
C GLU B 245 0.59 -0.22 -21.51
N VAL B 246 0.86 -0.23 -20.21
CA VAL B 246 1.61 0.83 -19.54
C VAL B 246 3.02 0.85 -20.05
N VAL B 247 3.66 -0.32 -20.03
CA VAL B 247 5.02 -0.49 -20.50
C VAL B 247 5.18 -0.18 -22.02
N ARG B 248 4.19 -0.56 -22.83
CA ARG B 248 4.12 -0.10 -24.22
C ARG B 248 4.22 1.40 -24.27
N GLU B 249 3.35 2.09 -23.53
CA GLU B 249 3.35 3.56 -23.57
C GLU B 249 4.64 4.17 -23.04
N LEU B 250 5.18 3.64 -21.94
CA LEU B 250 6.44 4.18 -21.40
C LEU B 250 7.62 3.91 -22.32
N TYR B 251 7.65 2.72 -22.90
CA TYR B 251 8.75 2.30 -23.76
C TYR B 251 8.83 3.14 -25.05
N ALA B 252 7.67 3.46 -25.62
CA ALA B 252 7.54 4.37 -26.77
C ALA B 252 8.07 5.77 -26.47
N ARG B 253 8.14 6.12 -25.18
CA ARG B 253 8.54 7.46 -24.79
C ARG B 253 9.93 7.52 -24.19
N MET B 254 10.56 6.37 -24.03
CA MET B 254 11.89 6.30 -23.49
C MET B 254 12.94 6.72 -24.52
N ASN B 255 14.03 7.32 -24.05
CA ASN B 255 15.22 7.47 -24.89
C ASN B 255 15.90 6.11 -25.09
N GLU B 256 16.82 6.03 -26.06
CA GLU B 256 17.46 4.75 -26.44
C GLU B 256 18.35 4.14 -25.35
N GLN B 257 18.85 4.98 -24.44
CA GLN B 257 19.63 4.51 -23.29
C GLN B 257 18.70 3.68 -22.37
N GLN B 258 17.59 4.30 -21.98
CA GLN B 258 16.54 3.62 -21.25
C GLN B 258 16.06 2.37 -21.99
N ARG B 259 15.69 2.53 -23.26
CA ARG B 259 15.26 1.42 -24.13
C ARG B 259 16.22 0.23 -24.13
N ARG B 260 17.52 0.50 -24.19
CA ARG B 260 18.53 -0.56 -24.19
C ARG B 260 18.58 -1.31 -22.86
N ALA B 261 18.65 -0.55 -21.76
CA ALA B 261 18.63 -1.12 -20.40
C ALA B 261 17.43 -2.07 -20.19
N LEU B 262 16.26 -1.66 -20.69
CA LEU B 262 15.03 -2.43 -20.53
C LEU B 262 15.17 -3.79 -21.20
N VAL B 263 15.61 -3.75 -22.46
CA VAL B 263 15.95 -4.95 -23.23
C VAL B 263 16.98 -5.84 -22.51
N ARG B 264 18.05 -5.26 -21.97
CA ARG B 264 19.04 -6.04 -21.20
C ARG B 264 18.45 -6.67 -19.92
N CYS B 265 17.58 -5.92 -19.26
CA CYS B 265 16.99 -6.39 -18.00
C CYS B 265 16.02 -7.55 -18.23
N LEU B 266 15.31 -7.54 -19.35
CA LEU B 266 14.28 -8.55 -19.56
C LEU B 266 14.73 -9.99 -19.25
N PRO B 267 15.76 -10.52 -19.97
CA PRO B 267 16.16 -11.91 -19.71
C PRO B 267 16.54 -12.26 -18.27
N ILE B 268 17.28 -11.40 -17.57
CA ILE B 268 17.68 -11.75 -16.21
C ILE B 268 16.48 -11.68 -15.22
N ALA B 269 15.51 -10.83 -15.54
CA ALA B 269 14.32 -10.69 -14.71
C ALA B 269 13.52 -11.98 -14.79
N LEU B 270 13.42 -12.53 -16.00
CA LEU B 270 12.68 -13.78 -16.24
C LEU B 270 13.24 -15.01 -15.49
N GLU B 271 14.55 -15.18 -15.56
CA GLU B 271 15.28 -16.18 -14.78
C GLU B 271 15.14 -16.01 -13.27
N ALA B 272 15.32 -14.78 -12.78
CA ALA B 272 15.13 -14.48 -11.37
C ALA B 272 13.67 -14.76 -10.92
N PHE B 273 12.70 -14.43 -11.76
CA PHE B 273 11.29 -14.62 -11.42
C PHE B 273 10.97 -16.12 -11.23
N ALA B 274 11.54 -16.93 -12.14
CA ALA B 274 11.33 -18.38 -12.22
C ALA B 274 12.13 -19.25 -11.22
N GLU B 275 13.17 -18.68 -10.60
CA GLU B 275 14.15 -19.48 -9.81
C GLU B 275 13.60 -20.22 -8.58
N GLN B 276 14.04 -21.47 -8.40
CA GLN B 276 13.79 -22.24 -7.17
C GLN B 276 14.76 -21.78 -6.12
N ASP B 277 14.25 -21.49 -4.93
CA ASP B 277 15.13 -21.09 -3.85
C ASP B 277 15.60 -22.32 -3.08
N LEU B 278 16.81 -22.77 -3.39
CA LEU B 278 17.31 -23.99 -2.77
C LEU B 278 17.71 -23.76 -1.32
N SER B 279 18.05 -22.52 -0.99
CA SER B 279 18.36 -22.25 0.41
C SER B 279 17.08 -22.27 1.28
N ALA B 280 15.93 -22.01 0.66
CA ALA B 280 14.62 -22.15 1.33
C ALA B 280 14.20 -23.61 1.46
N LEU B 281 14.45 -24.39 0.42
CA LEU B 281 14.08 -25.80 0.41
C LEU B 281 14.87 -26.56 1.47
N LEU B 282 16.15 -26.22 1.59
CA LEU B 282 17.01 -26.78 2.64
C LEU B 282 16.56 -26.38 4.05
N LEU B 283 16.14 -25.13 4.23
CA LEU B 283 15.60 -24.70 5.54
C LEU B 283 14.38 -25.53 5.95
N GLU B 284 13.46 -25.73 5.01
CA GLU B 284 12.26 -26.52 5.27
C GLU B 284 12.58 -27.96 5.68
N LEU B 285 13.53 -28.59 4.98
CA LEU B 285 13.86 -30.00 5.19
C LEU B 285 14.51 -30.18 6.55
N ASN B 286 15.38 -29.23 6.91
CA ASN B 286 16.00 -29.20 8.22
C ASN B 286 14.98 -28.99 9.34
N ALA B 287 13.94 -28.20 9.05
CA ALA B 287 12.94 -27.87 10.06
C ALA B 287 12.13 -29.11 10.42
N ALA B 288 11.85 -29.96 9.43
CA ALA B 288 11.15 -31.23 9.70
C ALA B 288 12.16 -32.30 10.13
N GLY B 289 13.41 -31.87 10.30
CA GLY B 289 14.49 -32.73 10.79
C GLY B 289 14.81 -33.88 9.86
N ILE B 290 14.58 -33.70 8.56
CA ILE B 290 14.84 -34.74 7.59
C ILE B 290 16.35 -35.01 7.51
N ARG B 291 16.67 -36.30 7.49
CA ARG B 291 18.04 -36.80 7.53
C ARG B 291 18.64 -36.74 6.15
N GLY B 292 19.78 -36.08 6.03
CA GLY B 292 20.44 -35.92 4.74
C GLY B 292 19.78 -34.87 3.86
N ALA B 293 19.30 -33.80 4.49
CA ALA B 293 18.72 -32.66 3.77
C ALA B 293 19.74 -32.04 2.80
N GLU B 294 20.95 -31.80 3.31
CA GLU B 294 22.09 -31.32 2.53
C GLU B 294 22.27 -32.09 1.22
N GLU B 295 22.10 -33.41 1.30
CA GLU B 295 22.29 -34.29 0.14
C GLU B 295 21.12 -34.23 -0.85
N ILE B 296 19.89 -34.27 -0.34
CA ILE B 296 18.70 -34.09 -1.18
C ILE B 296 18.87 -32.83 -2.03
N VAL B 297 19.25 -31.75 -1.37
CA VAL B 297 19.36 -30.44 -2.03
C VAL B 297 20.56 -30.39 -3.00
N GLY B 298 21.69 -30.99 -2.60
CA GLY B 298 22.84 -31.15 -3.52
C GLY B 298 22.50 -31.86 -4.81
N ASP B 299 21.71 -32.93 -4.70
CA ASP B 299 21.28 -33.72 -5.84
C ASP B 299 20.37 -32.90 -6.71
N LEU B 300 19.48 -32.15 -6.08
CA LEU B 300 18.58 -31.25 -6.79
C LEU B 300 19.35 -30.18 -7.61
N ARG B 301 20.37 -29.62 -6.98
CA ARG B 301 21.25 -28.64 -7.62
C ARG B 301 22.03 -29.23 -8.82
N SER B 302 22.23 -30.55 -8.80
CA SER B 302 22.94 -31.24 -9.88
C SER B 302 22.01 -31.65 -11.02
N THR B 303 20.71 -31.43 -10.83
CA THR B 303 19.70 -31.91 -11.76
C THR B 303 19.31 -30.84 -12.77
N ALA B 304 18.90 -31.29 -13.96
CA ALA B 304 18.40 -30.40 -15.01
C ALA B 304 17.07 -29.76 -14.59
N GLY B 305 17.01 -28.43 -14.71
CA GLY B 305 15.84 -27.67 -14.26
C GLY B 305 15.74 -27.59 -12.74
N GLY B 306 16.81 -27.99 -12.06
CA GLY B 306 16.84 -28.10 -10.60
C GLY B 306 16.67 -26.79 -9.88
N THR B 307 17.20 -25.72 -10.47
CA THR B 307 17.09 -24.36 -9.93
C THR B 307 15.86 -23.59 -10.43
N ARG B 308 14.96 -24.27 -11.13
CA ARG B 308 13.79 -23.61 -11.74
C ARG B 308 12.44 -24.15 -11.23
N LEU B 309 11.61 -23.23 -10.72
CA LEU B 309 10.27 -23.51 -10.18
C LEU B 309 9.19 -23.28 -11.22
N VAL B 310 9.25 -22.12 -11.89
CA VAL B 310 8.26 -21.77 -12.90
C VAL B 310 8.79 -22.07 -14.30
N ARG B 311 8.09 -22.94 -15.03
CA ARG B 311 8.45 -23.38 -16.39
C ARG B 311 7.82 -22.54 -17.50
N ASP B 312 6.60 -22.05 -17.27
CA ASP B 312 5.79 -21.34 -18.27
C ASP B 312 6.07 -19.85 -18.23
N PHE B 313 6.50 -19.29 -19.37
CA PHE B 313 6.70 -17.84 -19.50
C PHE B 313 5.81 -17.17 -20.56
N SER B 314 4.72 -17.82 -20.99
CA SER B 314 3.86 -17.27 -22.06
C SER B 314 3.32 -15.86 -21.80
N GLY B 315 3.27 -15.46 -20.52
CA GLY B 315 2.79 -14.14 -20.13
C GLY B 315 3.76 -13.05 -20.56
N ALA B 316 5.04 -13.26 -20.30
CA ALA B 316 6.05 -12.27 -20.68
C ALA B 316 6.30 -12.30 -22.19
N ARG B 317 6.13 -13.48 -22.78
CA ARG B 317 6.11 -13.68 -24.24
C ARG B 317 5.21 -12.65 -24.92
N LYS B 318 3.99 -12.53 -24.40
N LYS B 318 3.98 -12.50 -24.40
CA LYS B 318 2.96 -11.64 -24.94
CA LYS B 318 2.99 -11.63 -25.01
C LYS B 318 3.33 -10.16 -24.86
C LYS B 318 3.28 -10.13 -24.82
N MET B 319 4.06 -9.80 -23.81
CA MET B 319 4.49 -8.41 -23.58
C MET B 319 5.62 -8.01 -24.53
N VAL B 320 6.56 -8.93 -24.71
CA VAL B 320 7.68 -8.75 -25.63
C VAL B 320 7.14 -8.62 -27.05
N GLU B 321 6.18 -9.47 -27.41
CA GLU B 321 5.46 -9.33 -28.67
C GLU B 321 4.93 -7.91 -28.84
N GLN B 322 4.18 -7.41 -27.85
CA GLN B 322 3.48 -6.13 -27.97
C GLN B 322 4.37 -4.89 -27.97
N LEU B 323 5.58 -5.03 -27.45
CA LEU B 323 6.57 -3.97 -27.56
C LEU B 323 7.39 -4.15 -28.83
N GLY B 324 7.04 -5.20 -29.60
CA GLY B 324 7.71 -5.54 -30.86
C GLY B 324 9.17 -5.84 -30.69
N LEU B 325 9.49 -6.67 -29.71
CA LEU B 325 10.88 -6.96 -29.37
C LEU B 325 11.18 -8.45 -29.45
N ASP B 326 10.45 -9.17 -30.30
CA ASP B 326 10.51 -10.65 -30.35
C ASP B 326 11.92 -11.23 -30.21
N ASP B 327 12.94 -10.46 -30.61
CA ASP B 327 14.35 -10.85 -30.41
C ASP B 327 14.78 -10.71 -28.93
N ALA B 328 14.43 -11.72 -28.12
CA ALA B 328 14.74 -11.83 -26.68
C ALA B 328 16.06 -11.16 -26.25
#